data_2YIL
#
_entry.id   2YIL
#
_cell.length_a   53.170
_cell.length_b   129.040
_cell.length_c   158.100
_cell.angle_alpha   90.00
_cell.angle_beta   90.00
_cell.angle_gamma   90.00
#
_symmetry.space_group_name_H-M   'P 21 21 21'
#
loop_
_entity.id
_entity.type
_entity.pdbx_description
1 polymer 'MICRONEME ANTIGEN L2'
2 non-polymer 'CHLORIDE ION'
3 non-polymer GLYCEROL
4 non-polymer 'SULFATE ION'
5 water water
#
_entity_poly.entity_id   1
_entity_poly.type   'polypeptide(L)'
_entity_poly.pdbx_seq_one_letter_code
;AGPQLDVSCFAHDKNIGSRTEQLSVVHVASAQDCMKECQALPTCSHFTYNKNSKKCHLKAGAPEFYTYTGDMTGPRSCEH
NCSDACWMDGNNPLAVWDYSGQPPALCWAACMGTPGCDLYTFQGMTCKLYSQTSSKRA
;
_entity_poly.pdbx_strand_id   A,B,C,D,E,F
#
# COMPACT_ATOMS: atom_id res chain seq x y z
N GLN A 4 -48.34 29.91 -40.74
CA GLN A 4 -47.43 30.84 -41.46
C GLN A 4 -45.97 30.40 -41.36
N LEU A 5 -45.32 30.20 -42.51
CA LEU A 5 -43.88 29.90 -42.53
C LEU A 5 -43.08 31.14 -42.88
N ASP A 6 -41.93 31.36 -42.21
CA ASP A 6 -41.00 32.44 -42.55
C ASP A 6 -40.33 32.17 -43.92
N VAL A 7 -40.61 33.03 -44.88
CA VAL A 7 -39.94 33.05 -46.18
C VAL A 7 -39.18 34.36 -46.40
N SER A 8 -38.80 35.03 -45.32
CA SER A 8 -38.17 36.34 -45.45
C SER A 8 -36.66 36.27 -45.67
N CYS A 9 -36.05 35.11 -45.48
CA CYS A 9 -34.56 35.03 -45.50
C CYS A 9 -33.98 34.91 -46.90
N PHE A 10 -34.81 34.73 -47.91
CA PHE A 10 -34.30 34.71 -49.26
C PHE A 10 -35.03 35.70 -50.18
N ALA A 11 -34.37 36.13 -51.25
CA ALA A 11 -34.96 37.09 -52.20
C ALA A 11 -36.07 36.44 -53.03
N HIS A 12 -37.19 37.14 -53.22
CA HIS A 12 -38.28 36.65 -54.05
C HIS A 12 -38.27 37.24 -55.44
N ASP A 13 -37.50 38.31 -55.66
CA ASP A 13 -37.59 39.04 -56.94
C ASP A 13 -36.26 39.20 -57.65
N LYS A 14 -35.36 38.22 -57.45
CA LYS A 14 -34.05 38.26 -58.09
C LYS A 14 -33.81 37.16 -59.12
N ASN A 15 -34.85 36.40 -59.48
CA ASN A 15 -34.72 35.40 -60.54
C ASN A 15 -33.65 34.35 -60.23
N ILE A 16 -33.57 33.94 -58.97
CA ILE A 16 -32.58 32.98 -58.49
C ILE A 16 -33.20 31.60 -58.46
N GLY A 17 -32.71 30.73 -59.32
CA GLY A 17 -33.17 29.34 -59.38
C GLY A 17 -32.06 28.42 -58.94
N SER A 18 -32.40 27.15 -58.75
CA SER A 18 -31.44 26.07 -58.49
C SER A 18 -31.60 24.96 -59.49
N ARG A 19 -30.48 24.51 -60.07
CA ARG A 19 -30.52 23.44 -61.07
C ARG A 19 -30.47 22.08 -60.43
N THR A 20 -30.35 22.01 -59.11
CA THR A 20 -30.26 20.71 -58.48
C THR A 20 -31.40 19.78 -58.93
N GLU A 21 -31.09 18.51 -59.10
CA GLU A 21 -32.06 17.54 -59.55
C GLU A 21 -33.26 17.46 -58.56
N GLN A 22 -34.46 17.31 -59.13
CA GLN A 22 -35.70 17.34 -58.37
C GLN A 22 -35.82 16.09 -57.56
N LEU A 23 -36.44 16.29 -56.40
CA LEU A 23 -37.04 15.26 -55.61
C LEU A 23 -38.57 15.13 -55.84
N SER A 24 -39.22 16.24 -56.19
CA SER A 24 -40.67 16.27 -56.40
C SER A 24 -40.96 17.58 -57.08
N VAL A 25 -42.05 17.59 -57.84
CA VAL A 25 -42.55 18.83 -58.40
C VAL A 25 -44.05 18.85 -58.25
N VAL A 26 -44.55 20.02 -57.83
CA VAL A 26 -45.97 20.29 -57.72
C VAL A 26 -46.19 21.73 -58.17
N HIS A 27 -47.45 22.15 -58.33
CA HIS A 27 -47.76 23.58 -58.48
C HIS A 27 -48.39 24.09 -57.17
N VAL A 28 -48.03 25.30 -56.73
CA VAL A 28 -48.58 25.87 -55.50
C VAL A 28 -48.78 27.36 -55.69
N ALA A 29 -49.50 27.98 -54.76
CA ALA A 29 -49.98 29.32 -54.90
C ALA A 29 -48.98 30.36 -54.34
N SER A 30 -48.05 29.91 -53.49
CA SER A 30 -47.08 30.84 -52.86
C SER A 30 -45.75 30.17 -52.48
N ALA A 31 -44.72 30.99 -52.28
CA ALA A 31 -43.44 30.52 -51.76
C ALA A 31 -43.60 29.77 -50.44
N GLN A 32 -44.46 30.27 -49.55
CA GLN A 32 -44.70 29.63 -48.30
C GLN A 32 -45.20 28.18 -48.44
N ASP A 33 -46.15 28.00 -49.34
CA ASP A 33 -46.70 26.70 -49.66
C ASP A 33 -45.60 25.79 -50.23
N CYS A 34 -44.68 26.34 -51.01
CA CYS A 34 -43.59 25.51 -51.54
C CYS A 34 -42.69 25.05 -50.39
N MET A 35 -42.40 25.97 -49.47
CA MET A 35 -41.64 25.59 -48.29
C MET A 35 -42.32 24.50 -47.50
N LYS A 36 -43.65 24.63 -47.36
CA LYS A 36 -44.41 23.61 -46.63
C LYS A 36 -44.26 22.25 -47.34
N GLU A 37 -44.31 22.25 -48.68
CA GLU A 37 -44.08 20.99 -49.45
C GLU A 37 -42.68 20.41 -49.22
N CYS A 38 -41.67 21.28 -49.16
CA CYS A 38 -40.33 20.85 -48.83
C CYS A 38 -40.30 20.19 -47.45
N GLN A 39 -40.84 20.89 -46.47
CA GLN A 39 -40.80 20.42 -45.09
C GLN A 39 -41.53 19.09 -44.88
N ALA A 40 -42.43 18.74 -45.78
CA ALA A 40 -43.13 17.46 -45.71
C ALA A 40 -42.27 16.29 -46.20
N LEU A 41 -41.20 16.57 -46.93
CA LEU A 41 -40.32 15.54 -47.47
C LEU A 41 -39.04 15.50 -46.66
N PRO A 42 -38.77 14.34 -46.01
CA PRO A 42 -37.58 14.23 -45.18
C PRO A 42 -36.25 14.69 -45.77
N THR A 43 -36.04 14.47 -47.06
CA THR A 43 -34.75 14.76 -47.66
C THR A 43 -34.73 16.06 -48.46
N CYS A 44 -35.80 16.84 -48.42
CA CYS A 44 -35.80 18.12 -49.11
C CYS A 44 -34.91 19.11 -48.34
N SER A 45 -33.87 19.60 -49.01
CA SER A 45 -33.00 20.59 -48.44
C SER A 45 -33.35 22.02 -48.87
N HIS A 46 -33.91 22.18 -50.06
CA HIS A 46 -34.24 23.51 -50.59
C HIS A 46 -35.25 23.35 -51.73
N PHE A 47 -35.78 24.48 -52.19
CA PHE A 47 -36.79 24.48 -53.24
C PHE A 47 -36.60 25.67 -54.15
N THR A 48 -37.09 25.56 -55.38
CA THR A 48 -37.24 26.70 -56.27
C THR A 48 -38.71 26.81 -56.62
N TYR A 49 -39.26 27.97 -56.34
CA TYR A 49 -40.61 28.30 -56.72
C TYR A 49 -40.58 29.37 -57.83
N ASN A 50 -41.44 29.22 -58.86
CA ASN A 50 -41.54 30.20 -59.88
C ASN A 50 -42.86 30.94 -59.78
N LYS A 51 -42.77 32.26 -59.58
CA LYS A 51 -43.97 33.07 -59.40
C LYS A 51 -44.83 33.10 -60.66
N ASN A 52 -44.25 32.88 -61.86
CA ASN A 52 -45.06 32.90 -63.10
C ASN A 52 -45.70 31.57 -63.44
N SER A 53 -44.94 30.50 -63.46
CA SER A 53 -45.50 29.19 -63.75
C SER A 53 -46.22 28.57 -62.55
N LYS A 54 -45.98 29.13 -61.35
CA LYS A 54 -46.41 28.54 -60.07
C LYS A 54 -45.77 27.14 -59.78
N LYS A 55 -44.74 26.73 -60.50
CA LYS A 55 -44.08 25.44 -60.21
C LYS A 55 -43.19 25.54 -58.98
N CYS A 56 -43.28 24.51 -58.14
CA CYS A 56 -42.51 24.34 -56.93
C CYS A 56 -41.72 23.03 -57.08
N HIS A 57 -40.40 23.19 -57.23
CA HIS A 57 -39.44 22.13 -57.42
C HIS A 57 -38.70 21.90 -56.12
N LEU A 58 -38.98 20.76 -55.49
CA LEU A 58 -38.35 20.39 -54.25
C LEU A 58 -37.06 19.62 -54.56
N LYS A 59 -36.01 19.85 -53.77
CA LYS A 59 -34.68 19.34 -54.12
C LYS A 59 -33.96 18.82 -52.85
N ALA A 60 -33.21 17.74 -53.01
CA ALA A 60 -32.42 17.13 -51.93
C ALA A 60 -30.94 17.58 -51.91
N GLY A 61 -30.31 17.64 -53.07
CA GLY A 61 -28.88 17.91 -53.19
C GLY A 61 -28.55 19.36 -52.83
N ALA A 62 -27.27 19.70 -52.84
CA ALA A 62 -26.80 21.06 -52.60
C ALA A 62 -27.35 21.99 -53.68
N PRO A 63 -27.73 23.23 -53.30
CA PRO A 63 -28.17 24.16 -54.33
C PRO A 63 -27.12 24.38 -55.46
N GLU A 64 -27.58 24.53 -56.70
CA GLU A 64 -26.74 24.89 -57.85
C GLU A 64 -27.38 26.17 -58.44
N PHE A 65 -26.94 27.34 -58.02
CA PHE A 65 -27.63 28.56 -58.37
C PHE A 65 -27.46 28.96 -59.82
N TYR A 66 -28.53 29.51 -60.41
CA TYR A 66 -28.52 30.08 -61.76
C TYR A 66 -29.66 31.08 -61.88
N THR A 67 -29.73 31.74 -63.04
CA THR A 67 -30.70 32.81 -63.23
C THR A 67 -31.81 32.32 -64.13
N TYR A 68 -33.05 32.55 -63.69
CA TYR A 68 -34.20 32.16 -64.48
C TYR A 68 -35.36 33.00 -64.06
N THR A 69 -36.03 33.59 -65.05
CA THR A 69 -37.02 34.61 -64.80
C THR A 69 -38.17 34.12 -63.93
N GLY A 70 -38.36 34.80 -62.82
CA GLY A 70 -39.44 34.55 -61.90
C GLY A 70 -39.11 33.54 -60.79
N ASP A 71 -37.91 32.96 -60.81
CA ASP A 71 -37.50 31.99 -59.80
C ASP A 71 -37.15 32.66 -58.47
N MET A 72 -37.42 31.92 -57.40
CA MET A 72 -36.87 32.21 -56.09
C MET A 72 -36.49 30.89 -55.48
N THR A 73 -35.39 30.90 -54.73
CA THR A 73 -34.86 29.68 -54.14
C THR A 73 -34.75 29.80 -52.65
N GLY A 74 -35.45 28.93 -51.95
CA GLY A 74 -35.53 29.01 -50.52
C GLY A 74 -35.03 27.76 -49.85
N PRO A 75 -34.57 27.90 -48.59
CA PRO A 75 -34.14 26.74 -47.84
C PRO A 75 -35.31 25.94 -47.29
N ARG A 76 -35.03 24.73 -46.77
CA ARG A 76 -36.02 23.92 -46.10
C ARG A 76 -36.73 24.76 -45.00
N SER A 77 -35.96 25.56 -44.29
CA SER A 77 -36.51 26.51 -43.31
C SER A 77 -35.51 27.67 -43.18
N CYS A 78 -36.05 28.84 -42.93
CA CYS A 78 -35.24 30.03 -42.64
C CYS A 78 -34.67 30.06 -41.23
N GLU A 79 -35.04 29.08 -40.40
CA GLU A 79 -34.55 29.04 -39.03
C GLU A 79 -33.05 28.78 -38.87
N HIS A 80 -32.41 28.27 -39.93
CA HIS A 80 -30.97 27.89 -39.90
C HIS A 80 -30.15 29.12 -40.22
N ASN A 81 -29.72 29.78 -39.15
CA ASN A 81 -29.07 31.06 -39.25
C ASN A 81 -27.62 31.05 -38.67
N CYS A 82 -27.11 29.89 -38.35
CA CYS A 82 -25.70 29.77 -37.95
C CYS A 82 -24.78 30.07 -39.16
N SER A 83 -23.69 30.79 -38.94
CA SER A 83 -22.72 31.04 -40.03
C SER A 83 -21.23 30.75 -39.72
N ASP A 84 -20.79 30.74 -38.46
CA ASP A 84 -19.33 30.62 -38.20
C ASP A 84 -18.81 29.17 -38.39
N ALA A 85 -19.35 28.24 -37.65
CA ALA A 85 -19.04 26.83 -37.84
C ALA A 85 -20.26 26.11 -37.30
N CYS A 86 -20.95 25.36 -38.16
CA CYS A 86 -22.32 25.02 -37.93
C CYS A 86 -22.57 23.57 -38.20
N TRP A 87 -22.74 22.79 -37.13
CA TRP A 87 -22.83 21.33 -37.25
C TRP A 87 -24.28 20.95 -37.55
N MET A 88 -24.47 19.98 -38.43
CA MET A 88 -25.81 19.54 -38.77
C MET A 88 -26.50 18.93 -37.57
N ASP A 89 -25.73 18.19 -36.77
CA ASP A 89 -26.29 17.58 -35.54
C ASP A 89 -26.25 18.51 -34.30
N GLY A 90 -25.79 19.74 -34.44
CA GLY A 90 -25.71 20.66 -33.33
C GLY A 90 -24.39 20.49 -32.57
N ASN A 91 -23.81 21.61 -32.16
CA ASN A 91 -22.55 21.61 -31.43
C ASN A 91 -22.33 22.99 -30.87
N ASN A 92 -22.62 23.16 -29.58
CA ASN A 92 -22.40 24.44 -28.92
C ASN A 92 -20.92 24.77 -28.78
N PRO A 93 -20.54 26.06 -28.93
CA PRO A 93 -19.14 26.43 -28.65
C PRO A 93 -18.74 26.06 -27.22
N LEU A 94 -17.45 25.73 -27.04
CA LEU A 94 -16.87 25.58 -25.73
C LEU A 94 -16.79 26.94 -25.07
N ALA A 95 -16.60 27.98 -25.87
CA ALA A 95 -16.43 29.29 -25.31
C ALA A 95 -16.77 30.29 -26.41
N VAL A 96 -17.28 31.44 -26.00
CA VAL A 96 -17.56 32.54 -26.94
C VAL A 96 -17.08 33.79 -26.26
N TRP A 97 -16.10 34.47 -26.84
CA TRP A 97 -15.61 35.72 -26.26
C TRP A 97 -15.54 36.85 -27.27
N ASP A 98 -15.73 38.08 -26.78
CA ASP A 98 -15.45 39.28 -27.57
C ASP A 98 -13.95 39.54 -27.56
N TYR A 99 -13.34 39.41 -28.73
CA TYR A 99 -11.90 39.61 -28.91
C TYR A 99 -11.63 40.84 -29.81
N SER A 100 -12.50 41.84 -29.73
CA SER A 100 -12.26 43.11 -30.43
C SER A 100 -10.86 43.61 -30.11
N GLY A 101 -10.16 44.03 -31.15
CA GLY A 101 -8.83 44.62 -31.03
C GLY A 101 -7.74 43.56 -30.86
N GLN A 102 -8.08 42.28 -31.06
CA GLN A 102 -7.12 41.17 -30.92
C GLN A 102 -6.92 40.50 -32.24
N PRO A 103 -5.72 39.96 -32.46
CA PRO A 103 -5.58 39.18 -33.68
C PRO A 103 -6.20 37.80 -33.54
N PRO A 104 -6.51 37.17 -34.68
CA PRO A 104 -7.04 35.81 -34.63
C PRO A 104 -6.05 34.80 -34.00
N ALA A 105 -4.77 35.08 -34.11
CA ALA A 105 -3.72 34.22 -33.53
C ALA A 105 -3.92 34.10 -32.01
N LEU A 106 -4.54 35.11 -31.37
CA LEU A 106 -4.88 34.98 -29.93
C LEU A 106 -6.09 34.12 -29.66
N CYS A 107 -6.94 33.89 -30.68
CA CYS A 107 -8.02 32.94 -30.58
C CYS A 107 -7.44 31.54 -30.81
N TRP A 108 -6.52 31.42 -31.76
CA TRP A 108 -5.73 30.19 -31.93
C TRP A 108 -5.05 29.84 -30.58
N ALA A 109 -4.49 30.85 -29.91
CA ALA A 109 -3.85 30.63 -28.59
C ALA A 109 -4.86 30.10 -27.58
N ALA A 110 -6.05 30.68 -27.54
CA ALA A 110 -7.14 30.22 -26.67
C ALA A 110 -7.49 28.76 -26.90
N CYS A 111 -7.56 28.37 -28.17
CA CYS A 111 -7.86 27.01 -28.52
C CYS A 111 -6.71 26.11 -28.07
N MET A 112 -5.48 26.48 -28.40
CA MET A 112 -4.29 25.72 -27.93
C MET A 112 -4.40 25.43 -26.43
N GLY A 113 -4.73 26.48 -25.66
CA GLY A 113 -4.74 26.38 -24.22
C GLY A 113 -6.00 25.84 -23.58
N THR A 114 -6.94 25.37 -24.39
CA THR A 114 -8.22 24.93 -23.89
C THR A 114 -8.33 23.46 -24.21
N PRO A 115 -8.36 22.61 -23.16
CA PRO A 115 -8.43 21.17 -23.50
C PRO A 115 -9.74 20.84 -24.17
N GLY A 116 -9.72 19.98 -25.18
CA GLY A 116 -10.94 19.65 -25.89
C GLY A 116 -11.08 20.46 -27.17
N CYS A 117 -10.41 21.63 -27.27
CA CYS A 117 -10.56 22.48 -28.46
C CYS A 117 -9.86 21.95 -29.70
N ASP A 118 -10.64 21.67 -30.73
CA ASP A 118 -10.11 21.18 -31.99
C ASP A 118 -10.07 22.26 -33.08
N LEU A 119 -10.93 23.26 -32.95
CA LEU A 119 -10.99 24.32 -33.95
C LEU A 119 -11.57 25.58 -33.33
N TYR A 120 -11.35 26.69 -33.99
CA TYR A 120 -11.96 27.96 -33.58
C TYR A 120 -12.48 28.70 -34.79
N THR A 121 -13.32 29.70 -34.51
CA THR A 121 -13.71 30.65 -35.52
C THR A 121 -13.46 32.06 -34.98
N PHE A 122 -13.28 32.99 -35.90
CA PHE A 122 -13.01 34.39 -35.55
C PHE A 122 -13.76 35.37 -36.46
N GLN A 123 -15.03 35.16 -36.64
CA GLN A 123 -15.89 36.03 -37.44
C GLN A 123 -16.20 37.25 -36.60
N GLY A 124 -15.96 38.43 -37.14
CA GLY A 124 -16.27 39.70 -36.43
C GLY A 124 -15.54 39.95 -35.14
N MET A 125 -14.32 39.45 -35.06
CA MET A 125 -13.50 39.50 -33.85
C MET A 125 -14.14 38.85 -32.61
N THR A 126 -15.03 37.90 -32.84
CA THR A 126 -15.53 37.07 -31.76
C THR A 126 -14.77 35.74 -31.86
N CYS A 127 -14.15 35.37 -30.75
CA CYS A 127 -13.41 34.11 -30.64
C CYS A 127 -14.34 33.05 -30.14
N LYS A 128 -14.63 32.05 -30.98
CA LYS A 128 -15.37 30.90 -30.56
C LYS A 128 -14.53 29.61 -30.67
N LEU A 129 -14.59 28.81 -29.61
CA LEU A 129 -13.90 27.52 -29.55
C LEU A 129 -14.88 26.37 -29.66
N TYR A 130 -14.44 25.31 -30.35
CA TYR A 130 -15.24 24.15 -30.53
C TYR A 130 -14.44 22.87 -30.36
N SER A 131 -15.12 21.89 -29.76
CA SER A 131 -14.71 20.51 -29.82
C SER A 131 -15.47 19.83 -30.98
N GLN A 132 -14.82 18.93 -31.71
CA GLN A 132 -15.56 18.07 -32.64
C GLN A 132 -16.50 17.17 -31.86
N THR A 133 -17.59 16.76 -32.51
CA THR A 133 -18.60 15.93 -31.87
C THR A 133 -18.24 14.45 -32.08
N SER A 134 -18.98 13.56 -31.41
CA SER A 134 -19.07 12.13 -31.83
C SER A 134 -20.05 11.34 -30.97
N LEU B 5 11.14 37.83 -35.99
CA LEU B 5 9.80 37.34 -35.53
C LEU B 5 8.76 38.44 -35.69
N ASP B 6 7.74 38.16 -36.50
CA ASP B 6 6.64 39.09 -36.73
C ASP B 6 5.81 39.31 -35.45
N VAL B 7 5.78 40.57 -35.01
CA VAL B 7 5.17 41.00 -33.75
C VAL B 7 4.13 42.10 -34.06
N SER B 8 3.68 42.11 -35.32
CA SER B 8 2.83 43.21 -35.79
C SER B 8 1.36 42.87 -35.70
N CYS B 9 1.00 41.60 -35.47
CA CYS B 9 -0.43 41.23 -35.44
C CYS B 9 -1.17 41.71 -34.19
N PHE B 10 -0.46 42.14 -33.16
CA PHE B 10 -1.08 42.63 -31.95
C PHE B 10 -0.62 44.05 -31.63
N ALA B 11 -1.43 44.73 -30.81
CA ALA B 11 -1.18 46.10 -30.40
C ALA B 11 -0.12 46.14 -29.31
N HIS B 12 0.77 47.13 -29.40
CA HIS B 12 1.86 47.34 -28.44
C HIS B 12 1.55 48.47 -27.47
N ASP B 13 0.61 49.35 -27.85
CA ASP B 13 0.40 50.58 -27.11
C ASP B 13 -0.96 50.68 -26.41
N LYS B 14 -1.67 49.56 -26.28
CA LYS B 14 -3.04 49.61 -25.74
C LYS B 14 -3.20 49.04 -24.35
N ASN B 15 -2.09 48.81 -23.65
CA ASN B 15 -2.13 48.36 -22.26
C ASN B 15 -2.91 47.08 -22.02
N ILE B 16 -2.79 46.15 -22.97
CA ILE B 16 -3.50 44.89 -22.91
C ILE B 16 -2.63 43.82 -22.21
N GLY B 17 -3.08 43.37 -21.05
CA GLY B 17 -2.50 42.26 -20.32
C GLY B 17 -3.37 41.02 -20.36
N SER B 18 -2.81 39.91 -19.89
CA SER B 18 -3.54 38.69 -19.68
C SER B 18 -3.25 38.20 -18.28
N ARG B 19 -4.31 37.84 -17.54
CA ARG B 19 -4.18 37.33 -16.17
C ARG B 19 -3.82 35.85 -16.10
N THR B 20 -3.81 35.16 -17.21
CA THR B 20 -3.61 33.71 -17.18
C THR B 20 -2.38 33.34 -16.36
N GLU B 21 -2.54 32.36 -15.48
CA GLU B 21 -1.43 31.87 -14.64
C GLU B 21 -0.23 31.61 -15.54
N GLN B 22 0.94 32.09 -15.17
CA GLN B 22 2.12 31.99 -16.00
C GLN B 22 2.89 30.71 -15.78
N LEU B 23 3.48 30.25 -16.87
CA LEU B 23 4.47 29.21 -16.87
C LEU B 23 5.76 29.69 -16.20
N SER B 24 6.19 30.89 -16.58
CA SER B 24 7.38 31.48 -16.07
C SER B 24 7.41 32.94 -16.45
N VAL B 25 8.34 33.66 -15.81
CA VAL B 25 8.61 35.04 -16.14
C VAL B 25 10.12 35.22 -16.35
N VAL B 26 10.48 35.95 -17.42
CA VAL B 26 11.88 36.27 -17.70
C VAL B 26 11.94 37.74 -18.13
N HIS B 27 13.13 38.31 -18.12
CA HIS B 27 13.32 39.71 -18.57
C HIS B 27 13.91 39.75 -19.96
N VAL B 28 13.36 40.62 -20.82
CA VAL B 28 13.84 40.78 -22.18
C VAL B 28 13.65 42.24 -22.59
N ALA B 29 14.22 42.62 -23.72
CA ALA B 29 14.21 44.04 -24.15
C ALA B 29 13.10 44.35 -25.13
N SER B 30 12.44 43.33 -25.69
CA SER B 30 11.42 43.58 -26.72
C SER B 30 10.34 42.50 -26.76
N ALA B 31 9.18 42.85 -27.33
CA ALA B 31 8.09 41.88 -27.57
C ALA B 31 8.54 40.69 -28.40
N GLN B 32 9.38 40.97 -29.39
CA GLN B 32 9.92 39.95 -30.25
C GLN B 32 10.74 38.95 -29.42
N ASP B 33 11.57 39.45 -28.50
CA ASP B 33 12.36 38.55 -27.67
C ASP B 33 11.42 37.77 -26.72
N CYS B 34 10.35 38.42 -26.25
CA CYS B 34 9.37 37.68 -25.43
C CYS B 34 8.72 36.55 -26.23
N MET B 35 8.32 36.82 -27.47
CA MET B 35 7.74 35.81 -28.32
C MET B 35 8.73 34.65 -28.54
N LYS B 36 10.00 34.96 -28.74
CA LYS B 36 11.02 33.92 -28.81
C LYS B 36 11.04 33.02 -27.55
N GLU B 37 10.92 33.63 -26.38
CA GLU B 37 10.90 32.86 -25.12
C GLU B 37 9.66 31.99 -25.09
N CYS B 38 8.53 32.52 -25.57
CA CYS B 38 7.31 31.73 -25.63
C CYS B 38 7.51 30.51 -26.53
N GLN B 39 8.09 30.73 -27.72
CA GLN B 39 8.32 29.63 -28.66
C GLN B 39 9.29 28.53 -28.18
N ALA B 40 10.12 28.86 -27.19
CA ALA B 40 11.05 27.87 -26.57
C ALA B 40 10.36 26.92 -25.59
N LEU B 41 9.13 27.25 -25.16
CA LEU B 41 8.36 26.41 -24.24
C LEU B 41 7.20 25.79 -24.97
N PRO B 42 7.13 24.45 -24.98
CA PRO B 42 6.14 23.80 -25.81
C PRO B 42 4.68 24.19 -25.51
N THR B 43 4.36 24.56 -24.28
CA THR B 43 2.95 24.77 -23.95
C THR B 43 2.59 26.26 -23.89
N CYS B 44 3.52 27.15 -24.27
CA CYS B 44 3.23 28.56 -24.23
C CYS B 44 2.33 28.93 -25.42
N SER B 45 1.12 29.35 -25.07
CA SER B 45 0.14 29.78 -26.08
C SER B 45 0.21 31.27 -26.32
N HIS B 46 0.57 32.02 -25.32
CA HIS B 46 0.61 33.45 -25.43
C HIS B 46 1.45 34.06 -24.34
N PHE B 47 1.74 35.35 -24.48
CA PHE B 47 2.54 36.04 -23.51
C PHE B 47 2.06 37.46 -23.29
N THR B 48 2.38 38.01 -22.13
CA THR B 48 2.25 39.44 -21.91
C THR B 48 3.65 39.96 -21.65
N TYR B 49 4.08 40.94 -22.44
CA TYR B 49 5.36 41.63 -22.23
C TYR B 49 5.05 43.05 -21.78
N ASN B 50 5.77 43.53 -20.77
CA ASN B 50 5.58 44.90 -20.29
C ASN B 50 6.76 45.81 -20.61
N LYS B 51 6.45 46.88 -21.35
CA LYS B 51 7.37 47.96 -21.77
C LYS B 51 8.24 48.53 -20.67
N ASN B 52 7.68 48.57 -19.47
CA ASN B 52 8.26 49.30 -18.36
C ASN B 52 9.01 48.40 -17.40
N SER B 53 8.41 47.28 -17.05
CA SER B 53 9.10 46.30 -16.23
C SER B 53 10.12 45.47 -17.02
N LYS B 54 9.98 45.42 -18.35
CA LYS B 54 10.76 44.51 -19.19
C LYS B 54 10.49 43.03 -18.85
N LYS B 55 9.38 42.72 -18.16
CA LYS B 55 9.05 41.34 -17.82
C LYS B 55 8.22 40.72 -18.95
N CYS B 56 8.57 39.48 -19.26
CA CYS B 56 7.94 38.67 -20.27
C CYS B 56 7.29 37.48 -19.55
N HIS B 57 5.96 37.48 -19.54
CA HIS B 57 5.17 36.51 -18.79
C HIS B 57 4.62 35.47 -19.76
N LEU B 58 5.16 34.26 -19.68
CA LEU B 58 4.80 33.19 -20.61
C LEU B 58 3.64 32.36 -20.03
N LYS B 59 2.61 32.09 -20.87
CA LYS B 59 1.34 31.55 -20.38
C LYS B 59 0.83 30.42 -21.27
N ALA B 60 0.24 29.43 -20.62
CA ALA B 60 -0.19 28.22 -21.29
C ALA B 60 -1.68 28.28 -21.62
N GLY B 61 -2.49 28.71 -20.67
CA GLY B 61 -3.94 28.62 -20.80
C GLY B 61 -4.49 29.67 -21.77
N ALA B 62 -5.81 29.75 -21.87
CA ALA B 62 -6.45 30.72 -22.75
C ALA B 62 -6.24 32.10 -22.18
N PRO B 63 -6.12 33.12 -23.05
CA PRO B 63 -5.97 34.46 -22.54
C PRO B 63 -7.10 34.94 -21.65
N GLU B 64 -6.77 35.80 -20.69
CA GLU B 64 -7.74 36.44 -19.79
C GLU B 64 -7.43 37.92 -19.77
N PHE B 65 -7.99 38.63 -20.73
CA PHE B 65 -7.53 39.97 -21.03
C PHE B 65 -7.95 40.93 -19.95
N TYR B 66 -7.09 41.90 -19.70
CA TYR B 66 -7.40 43.04 -18.81
C TYR B 66 -6.46 44.17 -19.17
N THR B 67 -6.60 45.28 -18.45
CA THR B 67 -5.87 46.50 -18.77
C THR B 67 -4.82 46.74 -17.70
N TYR B 68 -3.58 47.02 -18.13
CA TYR B 68 -2.45 47.16 -17.20
C TYR B 68 -1.36 47.95 -17.93
N THR B 69 -0.92 49.05 -17.32
CA THR B 69 -0.16 50.02 -18.07
C THR B 69 1.14 49.44 -18.56
N GLY B 70 1.39 49.65 -19.84
CA GLY B 70 2.62 49.18 -20.49
C GLY B 70 2.59 47.75 -21.01
N ASP B 71 1.49 47.02 -20.74
CA ASP B 71 1.33 45.65 -21.17
C ASP B 71 0.98 45.55 -22.63
N MET B 72 1.48 44.48 -23.26
CA MET B 72 1.04 44.04 -24.53
C MET B 72 0.99 42.51 -24.50
N THR B 73 -0.01 41.95 -25.17
CA THR B 73 -0.25 40.51 -25.15
C THR B 73 -0.24 39.96 -26.55
N GLY B 74 0.70 39.06 -26.77
CA GLY B 74 0.87 38.47 -28.06
C GLY B 74 0.69 36.97 -28.02
N PRO B 75 0.46 36.38 -29.19
CA PRO B 75 0.29 34.96 -29.35
C PRO B 75 1.66 34.28 -29.48
N ARG B 76 1.71 32.95 -29.36
CA ARG B 76 2.95 32.19 -29.61
C ARG B 76 3.61 32.60 -30.94
N SER B 77 2.78 32.81 -31.98
CA SER B 77 3.25 33.31 -33.27
C SER B 77 2.10 34.06 -33.90
N CYS B 78 2.41 35.19 -34.55
CA CYS B 78 1.42 35.92 -35.34
C CYS B 78 0.96 35.16 -36.59
N GLU B 79 1.70 34.11 -36.98
CA GLU B 79 1.43 33.38 -38.21
C GLU B 79 0.15 32.60 -38.19
N HIS B 80 -0.42 32.36 -37.00
CA HIS B 80 -1.67 31.65 -36.92
C HIS B 80 -2.80 32.66 -37.19
N ASN B 81 -2.94 33.03 -38.46
CA ASN B 81 -3.84 34.09 -38.83
C ASN B 81 -5.13 33.64 -39.55
N CYS B 82 -5.46 32.37 -39.45
CA CYS B 82 -6.75 31.90 -39.95
C CYS B 82 -7.85 32.55 -39.12
N SER B 83 -8.93 32.98 -39.78
CA SER B 83 -10.06 33.56 -39.05
C SER B 83 -11.44 33.04 -39.44
N ASP B 84 -11.55 32.12 -40.39
CA ASP B 84 -12.88 31.56 -40.70
C ASP B 84 -13.24 30.34 -39.82
N ALA B 85 -13.07 29.09 -40.31
CA ALA B 85 -13.14 27.90 -39.45
C ALA B 85 -11.73 27.27 -39.48
N CYS B 86 -11.07 27.22 -38.33
CA CYS B 86 -9.63 26.99 -38.28
C CYS B 86 -9.32 25.80 -37.38
N TRP B 87 -8.97 24.64 -37.97
CA TRP B 87 -8.72 23.42 -37.19
C TRP B 87 -7.28 23.52 -36.71
N MET B 88 -7.04 23.16 -35.46
CA MET B 88 -5.66 23.21 -34.93
C MET B 88 -4.75 22.27 -35.72
N ASP B 89 -5.29 21.15 -36.18
CA ASP B 89 -4.52 20.19 -36.98
C ASP B 89 -4.77 20.26 -38.49
N GLY B 90 -5.50 21.26 -38.96
CA GLY B 90 -5.72 21.44 -40.39
C GLY B 90 -6.92 20.60 -40.85
N ASN B 91 -7.63 21.07 -41.87
CA ASN B 91 -8.76 20.34 -42.43
C ASN B 91 -9.21 20.98 -43.74
N ASN B 92 -9.03 20.31 -44.85
CA ASN B 92 -9.43 20.84 -46.15
C ASN B 92 -10.96 20.67 -46.36
N PRO B 93 -11.58 21.66 -47.02
CA PRO B 93 -13.01 21.56 -47.17
C PRO B 93 -13.38 20.50 -48.17
N LEU B 94 -14.53 19.91 -47.94
CA LEU B 94 -15.18 19.03 -48.85
C LEU B 94 -15.59 19.79 -50.10
N ALA B 95 -15.99 21.06 -49.91
CA ALA B 95 -16.53 21.84 -51.01
C ALA B 95 -16.48 23.31 -50.64
N VAL B 96 -16.31 24.15 -51.66
CA VAL B 96 -16.22 25.60 -51.49
C VAL B 96 -17.03 26.26 -52.60
N TRP B 97 -18.14 26.90 -52.27
CA TRP B 97 -19.03 27.43 -53.29
C TRP B 97 -19.37 28.90 -53.09
N ASP B 98 -19.61 29.56 -54.21
CA ASP B 98 -20.03 30.95 -54.21
C ASP B 98 -21.54 31.11 -53.98
N TYR B 99 -21.88 31.49 -52.76
CA TYR B 99 -23.24 31.67 -52.34
C TYR B 99 -23.47 33.17 -52.04
N SER B 100 -22.84 34.09 -52.81
CA SER B 100 -23.08 35.54 -52.67
C SER B 100 -24.55 35.84 -52.64
N GLY B 101 -24.99 36.60 -51.66
CA GLY B 101 -26.37 37.03 -51.59
C GLY B 101 -27.37 35.98 -51.09
N GLN B 102 -26.87 34.87 -50.55
CA GLN B 102 -27.76 33.84 -50.03
C GLN B 102 -27.78 33.89 -48.50
N PRO B 103 -28.89 33.48 -47.87
CA PRO B 103 -29.00 33.28 -46.45
C PRO B 103 -28.10 32.14 -45.99
N PRO B 104 -27.60 32.19 -44.74
CA PRO B 104 -26.90 31.02 -44.17
C PRO B 104 -27.67 29.72 -44.36
N ALA B 105 -29.00 29.75 -44.23
CA ALA B 105 -29.82 28.53 -44.35
C ALA B 105 -29.61 27.78 -45.67
N LEU B 106 -29.23 28.45 -46.75
CA LEU B 106 -28.97 27.75 -48.02
C LEU B 106 -27.62 27.07 -48.01
N CYS B 107 -26.71 27.54 -47.16
CA CYS B 107 -25.45 26.82 -46.96
C CYS B 107 -25.69 25.58 -46.06
N TRP B 108 -26.54 25.73 -45.05
CA TRP B 108 -27.05 24.59 -44.28
C TRP B 108 -27.66 23.54 -45.24
N ALA B 109 -28.43 24.00 -46.23
CA ALA B 109 -29.04 23.12 -47.22
C ALA B 109 -27.99 22.36 -48.04
N ALA B 110 -26.94 23.08 -48.47
CA ALA B 110 -25.81 22.53 -49.15
C ALA B 110 -25.16 21.40 -48.32
N CYS B 111 -25.01 21.60 -47.03
CA CYS B 111 -24.40 20.58 -46.15
C CYS B 111 -25.35 19.37 -45.95
N MET B 112 -26.62 19.65 -45.73
CA MET B 112 -27.62 18.60 -45.68
C MET B 112 -27.59 17.72 -46.94
N GLY B 113 -27.47 18.36 -48.08
CA GLY B 113 -27.49 17.73 -49.38
C GLY B 113 -26.20 17.12 -49.86
N THR B 114 -25.13 17.22 -49.07
CA THR B 114 -23.81 16.73 -49.46
C THR B 114 -23.38 15.59 -48.52
N PRO B 115 -23.33 14.35 -49.03
CA PRO B 115 -22.94 13.25 -48.14
C PRO B 115 -21.53 13.44 -47.59
N GLY B 116 -21.33 13.15 -46.33
CA GLY B 116 -20.04 13.41 -45.70
C GLY B 116 -19.97 14.79 -45.03
N CYS B 117 -20.86 15.72 -45.41
CA CYS B 117 -20.86 17.05 -44.72
C CYS B 117 -21.34 16.98 -43.26
N ASP B 118 -20.47 17.30 -42.33
CA ASP B 118 -20.81 17.37 -40.92
C ASP B 118 -21.10 18.79 -40.44
N LEU B 119 -20.49 19.76 -41.13
CA LEU B 119 -20.68 21.14 -40.74
C LEU B 119 -20.31 22.07 -41.86
N TYR B 120 -20.77 23.31 -41.74
CA TYR B 120 -20.51 24.32 -42.76
C TYR B 120 -20.02 25.60 -42.12
N THR B 121 -19.35 26.43 -42.93
CA THR B 121 -19.02 27.79 -42.57
C THR B 121 -19.55 28.69 -43.68
N PHE B 122 -20.11 29.83 -43.31
CA PHE B 122 -20.62 30.80 -44.31
C PHE B 122 -20.37 32.23 -43.85
N GLN B 123 -19.14 32.68 -44.02
CA GLN B 123 -18.72 34.02 -43.62
C GLN B 123 -18.38 34.63 -44.99
N GLY B 124 -18.77 35.86 -45.22
CA GLY B 124 -18.65 36.43 -46.57
C GLY B 124 -19.61 35.80 -47.57
N MET B 125 -19.12 35.55 -48.79
CA MET B 125 -19.90 34.96 -49.87
C MET B 125 -19.64 33.47 -50.11
N THR B 126 -18.75 32.87 -49.34
CA THR B 126 -18.33 31.51 -49.59
C THR B 126 -19.03 30.58 -48.60
N CYS B 127 -19.70 29.59 -49.14
CA CYS B 127 -20.27 28.48 -48.39
C CYS B 127 -19.25 27.38 -48.45
N LYS B 128 -18.66 27.01 -47.30
CA LYS B 128 -17.69 25.93 -47.23
C LYS B 128 -18.20 24.74 -46.41
N LEU B 129 -18.05 23.52 -46.95
CA LEU B 129 -18.52 22.31 -46.35
C LEU B 129 -17.33 21.49 -45.85
N TYR B 130 -17.49 20.90 -44.67
CA TYR B 130 -16.45 20.10 -44.06
C TYR B 130 -17.01 18.81 -43.49
N SER B 131 -16.19 17.76 -43.55
CA SER B 131 -16.33 16.63 -42.65
C SER B 131 -15.35 16.80 -41.52
N GLN B 132 -15.72 16.24 -40.38
CA GLN B 132 -14.82 16.26 -39.23
C GLN B 132 -13.55 15.48 -39.56
N THR B 133 -12.45 15.84 -38.90
CA THR B 133 -11.18 15.15 -39.06
C THR B 133 -11.24 13.78 -38.39
N GLN C 4 -30.64 -3.79 -1.59
CA GLN C 4 -30.19 -2.84 -2.67
C GLN C 4 -28.68 -2.63 -2.67
N LEU C 5 -28.07 -2.58 -3.87
CA LEU C 5 -26.60 -2.55 -3.98
C LEU C 5 -26.11 -1.12 -4.21
N ASP C 6 -25.03 -0.75 -3.54
CA ASP C 6 -24.46 0.57 -3.71
C ASP C 6 -23.73 0.66 -5.02
N VAL C 7 -24.15 1.60 -5.86
CA VAL C 7 -23.44 1.94 -7.08
C VAL C 7 -23.00 3.40 -7.12
N SER C 8 -22.91 4.01 -5.94
CA SER C 8 -22.48 5.41 -5.90
C SER C 8 -20.96 5.60 -6.02
N CYS C 9 -20.16 4.53 -5.80
CA CYS C 9 -18.70 4.75 -5.77
C CYS C 9 -18.08 5.09 -7.09
N PHE C 10 -18.79 4.85 -8.19
CA PHE C 10 -18.26 5.14 -9.50
C PHE C 10 -19.16 6.10 -10.24
N ALA C 11 -18.59 6.79 -11.21
CA ALA C 11 -19.30 7.75 -12.11
C ALA C 11 -20.20 7.01 -13.11
N HIS C 12 -21.45 7.49 -13.23
CA HIS C 12 -22.41 6.98 -14.21
C HIS C 12 -22.41 7.80 -15.48
N ASP C 13 -21.89 9.03 -15.44
CA ASP C 13 -22.03 9.95 -16.59
C ASP C 13 -20.74 10.43 -17.22
N LYS C 14 -19.65 9.66 -17.13
CA LYS C 14 -18.38 10.09 -17.68
C LYS C 14 -17.85 9.21 -18.78
N ASN C 15 -18.73 8.40 -19.39
CA ASN C 15 -18.33 7.59 -20.52
C ASN C 15 -17.09 6.73 -20.26
N ILE C 16 -16.98 6.22 -19.05
CA ILE C 16 -15.83 5.36 -18.68
C ILE C 16 -16.17 3.90 -18.95
N GLY C 17 -15.51 3.36 -19.98
CA GLY C 17 -15.50 1.95 -20.27
C GLY C 17 -14.25 1.19 -19.81
N SER C 18 -14.33 -0.15 -19.86
CA SER C 18 -13.18 -1.02 -19.72
C SER C 18 -13.09 -1.94 -20.90
N ARG C 19 -11.89 -2.09 -21.47
CA ARG C 19 -11.68 -2.95 -22.65
C ARG C 19 -11.45 -4.41 -22.27
N THR C 20 -11.36 -4.69 -20.97
CA THR C 20 -10.97 -6.00 -20.53
C THR C 20 -11.88 -7.07 -21.12
N GLU C 21 -11.28 -8.17 -21.57
CA GLU C 21 -12.03 -9.26 -22.19
C GLU C 21 -13.15 -9.69 -21.27
N GLN C 22 -14.34 -9.89 -21.83
CA GLN C 22 -15.52 -10.18 -21.04
C GLN C 22 -15.77 -11.63 -20.81
N LEU C 23 -16.28 -11.93 -19.63
CA LEU C 23 -16.78 -13.27 -19.33
C LEU C 23 -18.11 -13.55 -20.09
N SER C 24 -18.98 -12.54 -20.08
CA SER C 24 -20.26 -12.61 -20.74
C SER C 24 -20.86 -11.21 -20.82
N VAL C 25 -21.93 -11.12 -21.61
CA VAL C 25 -22.71 -9.91 -21.75
C VAL C 25 -24.16 -10.25 -21.60
N VAL C 26 -24.86 -9.46 -20.79
CA VAL C 26 -26.32 -9.60 -20.66
C VAL C 26 -26.97 -8.22 -20.68
N HIS C 27 -28.27 -8.17 -20.97
CA HIS C 27 -29.03 -6.90 -20.91
C HIS C 27 -29.65 -6.67 -19.55
N VAL C 28 -29.51 -5.46 -19.00
CA VAL C 28 -30.11 -5.16 -17.74
C VAL C 28 -30.58 -3.70 -17.74
N ALA C 29 -31.42 -3.34 -16.79
CA ALA C 29 -32.05 -2.01 -16.74
C ALA C 29 -31.22 -0.99 -16.01
N SER C 30 -30.24 -1.42 -15.24
CA SER C 30 -29.51 -0.46 -14.40
C SER C 30 -28.11 -0.95 -14.06
N ALA C 31 -27.28 -0.05 -13.58
CA ALA C 31 -25.95 -0.36 -13.05
C ALA C 31 -26.02 -1.33 -11.90
N GLN C 32 -26.96 -1.13 -10.99
CA GLN C 32 -27.18 -2.02 -9.86
C GLN C 32 -27.41 -3.45 -10.30
N ASP C 33 -28.25 -3.60 -11.29
CA ASP C 33 -28.56 -4.94 -11.80
C ASP C 33 -27.34 -5.56 -12.50
N CYS C 34 -26.51 -4.73 -13.14
CA CYS C 34 -25.26 -5.23 -13.73
C CYS C 34 -24.30 -5.72 -12.63
N MET C 35 -24.19 -4.94 -11.54
CA MET C 35 -23.39 -5.39 -10.38
C MET C 35 -23.88 -6.70 -9.88
N LYS C 36 -25.19 -6.85 -9.85
CA LYS C 36 -25.75 -8.11 -9.37
C LYS C 36 -25.32 -9.28 -10.26
N GLU C 37 -25.36 -9.09 -11.56
CA GLU C 37 -24.90 -10.10 -12.50
C GLU C 37 -23.42 -10.41 -12.29
N CYS C 38 -22.64 -9.37 -12.02
CA CYS C 38 -21.21 -9.54 -11.76
C CYS C 38 -21.03 -10.39 -10.51
N GLN C 39 -21.77 -10.07 -9.47
CA GLN C 39 -21.61 -10.85 -8.23
C GLN C 39 -22.05 -12.34 -8.34
N ALA C 40 -22.84 -12.68 -9.36
CA ALA C 40 -23.24 -14.08 -9.61
C ALA C 40 -22.15 -14.89 -10.29
N LEU C 41 -21.12 -14.22 -10.79
CA LEU C 41 -20.03 -14.93 -11.44
C LEU C 41 -18.79 -14.90 -10.55
N PRO C 42 -18.26 -16.07 -10.16
CA PRO C 42 -17.15 -16.09 -9.20
C PRO C 42 -15.94 -15.23 -9.53
N THR C 43 -15.64 -15.06 -10.81
CA THR C 43 -14.39 -14.39 -11.19
C THR C 43 -14.60 -12.98 -11.74
N CYS C 44 -15.82 -12.47 -11.68
CA CYS C 44 -16.08 -11.11 -12.17
C CYS C 44 -15.51 -10.12 -11.19
N SER C 45 -14.54 -9.32 -11.67
CA SER C 45 -13.93 -8.26 -10.85
C SER C 45 -14.60 -6.93 -11.03
N HIS C 46 -15.04 -6.67 -12.25
CA HIS C 46 -15.64 -5.41 -12.60
C HIS C 46 -16.57 -5.59 -13.79
N PHE C 47 -17.34 -4.55 -14.08
CA PHE C 47 -18.29 -4.59 -15.18
C PHE C 47 -18.34 -3.22 -15.86
N THR C 48 -18.69 -3.21 -17.13
CA THR C 48 -19.07 -1.97 -17.82
C THR C 48 -20.52 -2.12 -18.27
N TYR C 49 -21.31 -1.15 -17.86
CA TYR C 49 -22.72 -1.09 -18.20
C TYR C 49 -22.91 0.13 -19.06
N ASN C 50 -23.67 -0.03 -20.16
CA ASN C 50 -23.93 1.05 -21.10
C ASN C 50 -25.39 1.50 -21.05
N LYS C 51 -25.56 2.79 -20.75
CA LYS C 51 -26.84 3.47 -20.65
C LYS C 51 -27.75 3.30 -21.82
N ASN C 52 -27.13 3.30 -22.99
CA ASN C 52 -27.86 3.37 -24.22
C ASN C 52 -28.15 1.98 -24.75
N SER C 53 -27.16 1.10 -24.80
CA SER C 53 -27.36 -0.25 -25.34
C SER C 53 -28.04 -1.16 -24.31
N LYS C 54 -27.99 -0.78 -23.04
CA LYS C 54 -28.47 -1.58 -21.91
C LYS C 54 -27.65 -2.86 -21.68
N LYS C 55 -26.50 -2.95 -22.30
CA LYS C 55 -25.62 -4.11 -22.16
C LYS C 55 -24.72 -4.00 -20.91
N CYS C 56 -24.63 -5.12 -20.21
CA CYS C 56 -23.85 -5.27 -19.00
C CYS C 56 -22.73 -6.28 -19.34
N HIS C 57 -21.49 -5.80 -19.37
CA HIS C 57 -20.36 -6.61 -19.80
C HIS C 57 -19.52 -6.97 -18.57
N LEU C 58 -19.49 -8.26 -18.23
CA LEU C 58 -18.86 -8.74 -16.98
C LEU C 58 -17.46 -9.18 -17.28
N LYS C 59 -16.51 -8.80 -16.41
CA LYS C 59 -15.10 -8.97 -16.72
C LYS C 59 -14.31 -9.53 -15.53
N ALA C 60 -13.34 -10.40 -15.85
CA ALA C 60 -12.44 -11.01 -14.82
C ALA C 60 -11.13 -10.22 -14.61
N GLY C 61 -10.49 -9.78 -15.68
CA GLY C 61 -9.11 -9.23 -15.59
C GLY C 61 -9.13 -7.84 -14.93
N ALA C 62 -7.96 -7.24 -14.81
CA ALA C 62 -7.84 -5.86 -14.32
C ALA C 62 -8.49 -4.92 -15.32
N PRO C 63 -9.03 -3.82 -14.83
CA PRO C 63 -9.67 -2.91 -15.77
C PRO C 63 -8.70 -2.32 -16.76
N GLU C 64 -9.22 -1.95 -17.92
CA GLU C 64 -8.45 -1.32 -18.99
C GLU C 64 -9.29 -0.16 -19.45
N PHE C 65 -9.11 0.97 -18.80
CA PHE C 65 -10.05 2.07 -18.98
C PHE C 65 -9.90 2.76 -20.34
N TYR C 66 -11.05 3.19 -20.89
CA TYR C 66 -11.09 4.01 -22.10
C TYR C 66 -12.42 4.75 -22.13
N THR C 67 -12.63 5.55 -23.18
CA THR C 67 -13.83 6.36 -23.29
C THR C 67 -14.79 5.80 -24.33
N TYR C 68 -16.06 5.65 -23.94
CA TYR C 68 -17.08 5.16 -24.84
C TYR C 68 -18.44 5.70 -24.39
N THR C 69 -19.12 6.39 -25.32
CA THR C 69 -20.34 7.12 -24.97
C THR C 69 -21.33 6.23 -24.24
N GLY C 70 -21.73 6.66 -23.05
CA GLY C 70 -22.76 5.99 -22.28
C GLY C 70 -22.29 4.89 -21.35
N ASP C 71 -21.00 4.54 -21.40
CA ASP C 71 -20.42 3.53 -20.50
C ASP C 71 -20.29 4.03 -19.08
N MET C 72 -20.38 3.10 -18.15
CA MET C 72 -19.94 3.30 -16.79
C MET C 72 -19.30 1.98 -16.33
N THR C 73 -18.27 2.09 -15.50
CA THR C 73 -17.50 0.92 -15.09
C THR C 73 -17.50 0.86 -13.60
N GLY C 74 -18.01 -0.27 -13.09
CA GLY C 74 -18.05 -0.49 -11.67
C GLY C 74 -17.30 -1.72 -11.19
N PRO C 75 -16.99 -1.76 -9.90
CA PRO C 75 -16.35 -2.89 -9.27
C PRO C 75 -17.39 -3.94 -8.92
N ARG C 76 -16.88 -5.15 -8.61
CA ARG C 76 -17.72 -6.24 -8.14
C ARG C 76 -18.64 -5.76 -7.02
N SER C 77 -18.08 -4.96 -6.12
CA SER C 77 -18.82 -4.31 -5.05
C SER C 77 -18.13 -3.00 -4.72
N CYS C 78 -18.93 -1.96 -4.45
CA CYS C 78 -18.37 -0.72 -3.99
C CYS C 78 -17.77 -0.79 -2.60
N GLU C 79 -18.09 -1.84 -1.84
CA GLU C 79 -17.70 -1.91 -0.43
C GLU C 79 -16.17 -1.99 -0.20
N HIS C 80 -15.42 -2.40 -1.22
CA HIS C 80 -13.99 -2.64 -1.06
C HIS C 80 -13.25 -1.32 -1.14
N ASN C 81 -13.33 -0.55 -0.07
CA ASN C 81 -12.91 0.84 -0.21
C ASN C 81 -11.77 1.20 0.76
N CYS C 82 -11.08 0.21 1.28
CA CYS C 82 -9.73 0.47 1.84
C CYS C 82 -8.89 1.22 0.80
N SER C 83 -8.14 2.27 1.19
CA SER C 83 -7.42 3.10 0.25
C SER C 83 -5.94 3.34 0.57
N ASP C 84 -5.47 2.97 1.75
CA ASP C 84 -4.04 3.19 2.02
C ASP C 84 -3.18 1.96 1.66
N ALA C 85 -3.23 0.91 2.46
CA ALA C 85 -2.55 -0.34 2.18
C ALA C 85 -3.53 -1.46 2.55
N CYS C 86 -3.86 -2.27 1.55
CA CYS C 86 -5.11 -2.99 1.55
C CYS C 86 -4.87 -4.41 1.05
N TRP C 87 -4.86 -5.35 1.97
CA TRP C 87 -4.64 -6.76 1.64
C TRP C 87 -5.98 -7.39 1.27
N MET C 88 -5.95 -8.23 0.27
CA MET C 88 -7.14 -8.92 -0.20
C MET C 88 -7.74 -9.81 0.88
N ASP C 89 -6.91 -10.40 1.74
CA ASP C 89 -7.39 -11.16 2.91
C ASP C 89 -7.55 -10.33 4.18
N GLY C 90 -7.32 -9.02 4.14
CA GLY C 90 -7.49 -8.14 5.32
C GLY C 90 -6.19 -8.02 6.13
N ASN C 91 -5.88 -6.84 6.65
CA ASN C 91 -4.67 -6.66 7.49
C ASN C 91 -4.84 -5.30 8.13
N ASN C 92 -4.24 -5.09 9.29
CA ASN C 92 -4.17 -3.76 9.90
C ASN C 92 -2.69 -3.46 10.13
N PRO C 93 -2.30 -2.18 10.14
CA PRO C 93 -0.93 -1.83 10.51
C PRO C 93 -0.57 -2.23 11.95
N LEU C 94 0.70 -2.53 12.17
CA LEU C 94 1.24 -2.72 13.51
C LEU C 94 1.28 -1.38 14.24
N ALA C 95 1.48 -0.32 13.49
CA ALA C 95 1.68 1.01 14.09
C ALA C 95 1.43 2.09 13.04
N VAL C 96 0.99 3.25 13.51
CA VAL C 96 0.69 4.41 12.71
C VAL C 96 1.12 5.63 13.51
N TRP C 97 2.12 6.35 13.01
CA TRP C 97 2.68 7.50 13.69
C TRP C 97 2.89 8.73 12.79
N ASP C 98 2.64 9.90 13.36
CA ASP C 98 3.02 11.16 12.77
C ASP C 98 4.54 11.31 12.83
N TYR C 99 5.18 11.31 11.67
CA TYR C 99 6.60 11.47 11.49
C TYR C 99 6.93 12.78 10.78
N SER C 100 6.14 13.83 11.08
CA SER C 100 6.42 15.14 10.52
C SER C 100 7.86 15.52 10.80
N GLY C 101 8.54 15.99 9.79
CA GLY C 101 9.91 16.45 9.94
C GLY C 101 10.94 15.32 10.05
N GLN C 102 10.52 14.07 9.81
CA GLN C 102 11.45 12.93 9.85
C GLN C 102 11.69 12.39 8.46
N PRO C 103 12.90 11.82 8.22
CA PRO C 103 13.14 11.16 6.94
C PRO C 103 12.53 9.76 6.90
N PRO C 104 12.33 9.21 5.69
CA PRO C 104 11.77 7.89 5.54
C PRO C 104 12.66 6.82 6.19
N ALA C 105 13.98 7.03 6.19
CA ALA C 105 14.87 6.03 6.81
C ALA C 105 14.58 5.89 8.31
N LEU C 106 14.00 6.88 8.94
CA LEU C 106 13.58 6.69 10.32
C LEU C 106 12.33 5.82 10.46
N CYS C 107 11.50 5.76 9.42
CA CYS C 107 10.38 4.79 9.41
C CYS C 107 10.92 3.39 9.13
N TRP C 108 11.89 3.31 8.21
CA TRP C 108 12.60 2.05 7.99
C TRP C 108 13.17 1.55 9.34
N ALA C 109 13.74 2.46 10.12
CA ALA C 109 14.33 2.11 11.44
C ALA C 109 13.25 1.58 12.37
N ALA C 110 12.09 2.25 12.34
CA ALA C 110 10.95 1.85 13.15
C ALA C 110 10.54 0.43 12.81
N CYS C 111 10.49 0.11 11.53
CA CYS C 111 10.19 -1.27 11.09
C CYS C 111 11.28 -2.26 11.58
N MET C 112 12.54 -1.91 11.36
CA MET C 112 13.65 -2.75 11.82
C MET C 112 13.49 -3.08 13.31
N GLY C 113 13.17 -2.04 14.09
CA GLY C 113 13.05 -2.12 15.53
C GLY C 113 11.74 -2.72 16.04
N THR C 114 10.82 -3.05 15.12
CA THR C 114 9.49 -3.54 15.47
C THR C 114 9.37 -5.03 15.09
N PRO C 115 9.31 -5.92 16.11
CA PRO C 115 9.20 -7.35 15.78
C PRO C 115 7.98 -7.65 14.91
N GLY C 116 8.19 -8.42 13.85
CA GLY C 116 7.09 -8.77 12.96
C GLY C 116 6.93 -7.81 11.80
N CYS C 117 7.57 -6.62 11.85
CA CYS C 117 7.46 -5.66 10.71
C CYS C 117 8.20 -6.14 9.49
N ASP C 118 7.45 -6.31 8.39
CA ASP C 118 7.98 -6.68 7.08
C ASP C 118 8.08 -5.54 6.06
N LEU C 119 7.27 -4.50 6.27
CA LEU C 119 7.27 -3.37 5.38
C LEU C 119 6.71 -2.12 6.05
N TYR C 120 6.99 -0.97 5.45
CA TYR C 120 6.43 0.28 5.91
C TYR C 120 5.90 1.09 4.73
N THR C 121 5.01 2.00 5.02
CA THR C 121 4.68 3.09 4.08
C THR C 121 5.04 4.43 4.70
N PHE C 122 5.34 5.42 3.87
CA PHE C 122 5.75 6.72 4.38
C PHE C 122 5.15 7.84 3.55
N GLN C 123 3.85 7.75 3.32
CA GLN C 123 3.13 8.76 2.53
C GLN C 123 2.80 9.90 3.45
N GLY C 124 3.06 11.13 3.00
CA GLY C 124 2.75 12.32 3.79
C GLY C 124 3.36 12.38 5.18
N MET C 125 4.54 11.80 5.36
CA MET C 125 5.25 11.79 6.65
C MET C 125 4.50 11.13 7.81
N THR C 126 3.66 10.16 7.44
CA THR C 126 3.03 9.25 8.38
C THR C 126 3.69 7.91 8.20
N CYS C 127 4.32 7.42 9.27
CA CYS C 127 5.00 6.14 9.27
C CYS C 127 3.98 5.07 9.65
N LYS C 128 3.79 4.10 8.76
CA LYS C 128 2.91 2.98 9.04
C LYS C 128 3.65 1.69 8.82
N LEU C 129 3.56 0.77 9.79
CA LEU C 129 4.31 -0.49 9.78
C LEU C 129 3.34 -1.61 9.58
N TYR C 130 3.75 -2.62 8.78
CA TYR C 130 2.94 -3.79 8.52
C TYR C 130 3.73 -5.08 8.59
N SER C 131 3.03 -6.10 9.07
CA SER C 131 3.45 -7.49 8.88
C SER C 131 2.73 -8.07 7.66
N GLN C 132 3.43 -8.92 6.92
CA GLN C 132 2.78 -9.70 5.90
C GLN C 132 1.79 -10.67 6.56
N THR C 133 0.82 -11.13 5.77
CA THR C 133 -0.18 -12.06 6.23
C THR C 133 0.19 -13.47 5.70
N SER C 134 -0.44 -14.51 6.25
CA SER C 134 -0.20 -15.89 5.77
C SER C 134 -0.50 -16.03 4.26
N LEU D 5 29.77 9.27 5.40
CA LEU D 5 28.42 8.83 5.89
C LEU D 5 27.44 9.99 5.89
N ASP D 6 26.41 9.88 5.06
CA ASP D 6 25.40 10.90 4.92
C ASP D 6 24.59 11.05 6.21
N VAL D 7 24.62 12.26 6.76
CA VAL D 7 23.78 12.65 7.90
C VAL D 7 22.84 13.78 7.57
N SER D 8 22.59 14.01 6.27
CA SER D 8 21.79 15.15 5.84
C SER D 8 20.29 14.88 5.89
N CYS D 9 19.88 13.63 6.04
CA CYS D 9 18.43 13.30 5.96
C CYS D 9 17.64 13.63 7.24
N PHE D 10 18.33 13.99 8.31
CA PHE D 10 17.63 14.38 9.50
C PHE D 10 18.07 15.75 9.96
N ALA D 11 17.21 16.43 10.71
CA ALA D 11 17.50 17.75 11.26
C ALA D 11 18.58 17.64 12.32
N HIS D 12 19.55 18.57 12.29
CA HIS D 12 20.56 18.67 13.35
C HIS D 12 20.23 19.73 14.38
N ASP D 13 19.35 20.69 14.04
CA ASP D 13 19.10 21.82 14.96
C ASP D 13 17.67 21.96 15.44
N LYS D 14 16.91 20.86 15.53
CA LYS D 14 15.52 20.93 16.00
C LYS D 14 15.25 20.27 17.33
N ASN D 15 16.28 19.91 18.09
CA ASN D 15 16.08 19.39 19.43
C ASN D 15 15.27 18.10 19.44
N ILE D 16 15.42 17.29 18.41
CA ILE D 16 14.67 16.07 18.31
C ILE D 16 15.43 14.91 18.94
N GLY D 17 14.90 14.35 20.01
CA GLY D 17 15.47 13.19 20.69
C GLY D 17 14.59 11.97 20.52
N SER D 18 15.09 10.82 20.96
CA SER D 18 14.30 9.60 21.06
C SER D 18 14.48 9.07 22.46
N ARG D 19 13.37 8.70 23.10
CA ARG D 19 13.37 8.10 24.43
C ARG D 19 13.63 6.60 24.39
N THR D 20 13.76 6.01 23.22
CA THR D 20 13.84 4.55 23.13
C THR D 20 14.99 4.02 24.00
N GLU D 21 14.75 2.90 24.66
CA GLU D 21 15.71 2.29 25.56
C GLU D 21 17.03 2.15 24.83
N GLN D 22 18.13 2.46 25.49
CA GLN D 22 19.41 2.40 24.79
C GLN D 22 20.15 1.09 24.85
N LEU D 23 20.83 0.82 23.75
CA LEU D 23 21.75 -0.27 23.65
C LEU D 23 23.08 0.13 24.33
N SER D 24 23.44 1.40 24.19
CA SER D 24 24.67 1.90 24.79
C SER D 24 24.78 3.39 24.59
N VAL D 25 25.74 3.99 25.29
CA VAL D 25 26.06 5.40 25.14
C VAL D 25 27.57 5.58 25.05
N VAL D 26 28.01 6.44 24.13
CA VAL D 26 29.43 6.72 23.96
C VAL D 26 29.60 8.18 23.57
N HIS D 27 30.74 8.76 23.94
CA HIS D 27 31.01 10.14 23.61
C HIS D 27 31.62 10.23 22.21
N VAL D 28 31.05 11.07 21.36
CA VAL D 28 31.61 11.33 20.03
C VAL D 28 31.44 12.80 19.72
N ALA D 29 32.15 13.25 18.68
CA ALA D 29 32.21 14.66 18.35
C ALA D 29 31.36 15.04 17.16
N SER D 30 30.67 14.09 16.54
CA SER D 30 29.84 14.39 15.37
C SER D 30 28.71 13.37 15.19
N ALA D 31 27.57 13.82 14.63
CA ALA D 31 26.50 12.92 14.13
C ALA D 31 27.03 11.76 13.26
N GLN D 32 27.97 12.02 12.37
CA GLN D 32 28.53 10.97 11.54
C GLN D 32 29.20 9.88 12.34
N ASP D 33 29.94 10.25 13.38
CA ASP D 33 30.53 9.25 14.24
C ASP D 33 29.49 8.49 15.04
N CYS D 34 28.41 9.16 15.44
CA CYS D 34 27.36 8.47 16.15
C CYS D 34 26.73 7.42 15.23
N MET D 35 26.49 7.80 13.98
CA MET D 35 25.95 6.87 13.02
C MET D 35 26.88 5.68 12.81
N LYS D 36 28.18 5.93 12.74
CA LYS D 36 29.14 4.84 12.62
C LYS D 36 29.03 3.88 13.82
N GLU D 37 28.86 4.43 15.02
CA GLU D 37 28.74 3.59 16.22
C GLU D 37 27.46 2.79 16.15
N CYS D 38 26.40 3.41 15.61
CA CYS D 38 25.15 2.72 15.40
C CYS D 38 25.36 1.54 14.43
N GLN D 39 26.02 1.79 13.31
CA GLN D 39 26.21 0.75 12.28
C GLN D 39 27.15 -0.38 12.75
N ALA D 40 27.95 -0.12 13.78
CA ALA D 40 28.78 -1.17 14.38
C ALA D 40 27.97 -2.16 15.19
N LEU D 41 26.77 -1.80 15.64
CA LEU D 41 25.95 -2.68 16.43
C LEU D 41 24.82 -3.23 15.55
N PRO D 42 24.75 -4.56 15.46
CA PRO D 42 23.81 -5.14 14.48
C PRO D 42 22.33 -4.79 14.70
N THR D 43 21.91 -4.54 15.93
CA THR D 43 20.49 -4.26 16.20
C THR D 43 20.20 -2.76 16.40
N CYS D 44 21.19 -1.91 16.24
CA CYS D 44 20.93 -0.46 16.34
C CYS D 44 20.12 0.02 15.13
N SER D 45 18.93 0.52 15.42
CA SER D 45 18.01 1.05 14.39
C SER D 45 18.19 2.56 14.21
N HIS D 46 18.51 3.25 15.30
CA HIS D 46 18.61 4.70 15.24
C HIS D 46 19.40 5.18 16.45
N PHE D 47 19.79 6.46 16.41
CA PHE D 47 20.59 7.08 17.47
C PHE D 47 20.10 8.49 17.77
N THR D 48 20.34 8.93 18.99
CA THR D 48 20.20 10.32 19.33
C THR D 48 21.59 10.78 19.76
N TYR D 49 22.08 11.82 19.10
CA TYR D 49 23.34 12.46 19.39
C TYR D 49 23.03 13.87 19.93
N ASN D 50 23.68 14.23 21.04
CA ASN D 50 23.49 15.56 21.62
C ASN D 50 24.74 16.41 21.44
N LYS D 51 24.58 17.50 20.72
CA LYS D 51 25.71 18.33 20.36
C LYS D 51 26.36 19.05 21.57
N ASN D 52 25.65 19.14 22.70
CA ASN D 52 26.19 19.81 23.87
C ASN D 52 26.90 18.83 24.78
N SER D 53 26.26 17.72 25.11
CA SER D 53 26.91 16.71 25.95
C SER D 53 27.91 15.84 25.18
N LYS D 54 27.81 15.87 23.84
CA LYS D 54 28.62 15.00 22.97
C LYS D 54 28.28 13.53 23.19
N LYS D 55 27.13 13.24 23.76
CA LYS D 55 26.76 11.85 23.98
C LYS D 55 25.97 11.30 22.77
N CYS D 56 26.38 10.10 22.36
CA CYS D 56 25.76 9.31 21.32
C CYS D 56 25.02 8.14 21.95
N HIS D 57 23.68 8.13 21.80
CA HIS D 57 22.84 7.11 22.38
C HIS D 57 22.28 6.20 21.33
N LEU D 58 22.72 4.95 21.36
CA LEU D 58 22.39 3.97 20.31
C LEU D 58 21.15 3.21 20.76
N LYS D 59 20.23 2.94 19.82
CA LYS D 59 18.89 2.42 20.17
C LYS D 59 18.44 1.32 19.23
N ALA D 60 17.84 0.26 19.76
CA ALA D 60 17.34 -0.86 18.98
C ALA D 60 15.88 -0.74 18.54
N GLY D 61 15.02 -0.37 19.45
CA GLY D 61 13.58 -0.39 19.18
C GLY D 61 13.15 0.75 18.24
N ALA D 62 11.85 0.90 18.03
CA ALA D 62 11.37 2.00 17.17
C ALA D 62 11.59 3.33 17.89
N PRO D 63 11.85 4.43 17.14
CA PRO D 63 11.91 5.74 17.76
C PRO D 63 10.71 6.15 18.60
N GLU D 64 11.01 6.89 19.66
CA GLU D 64 10.04 7.49 20.55
C GLU D 64 10.39 8.97 20.67
N PHE D 65 9.93 9.78 19.73
CA PHE D 65 10.42 11.15 19.57
C PHE D 65 9.94 12.06 20.68
N TYR D 66 10.82 12.96 21.07
CA TYR D 66 10.49 13.98 22.04
C TYR D 66 11.47 15.12 21.84
N THR D 67 11.32 16.16 22.65
CA THR D 67 12.07 17.37 22.49
C THR D 67 13.07 17.47 23.59
N TYR D 68 14.32 17.71 23.23
CA TYR D 68 15.37 17.84 24.23
C TYR D 68 16.49 18.69 23.63
N THR D 69 16.90 19.74 24.36
CA THR D 69 17.83 20.74 23.85
C THR D 69 19.12 20.12 23.41
N GLY D 70 19.48 20.34 22.16
CA GLY D 70 20.75 19.86 21.60
C GLY D 70 20.72 18.50 20.91
N ASP D 71 19.61 17.78 21.02
CA ASP D 71 19.48 16.42 20.42
C ASP D 71 19.25 16.49 18.92
N MET D 72 19.78 15.49 18.23
CA MET D 72 19.31 15.18 16.88
C MET D 72 19.21 13.65 16.79
N THR D 73 18.29 13.15 15.99
CA THR D 73 17.99 11.72 15.96
C THR D 73 18.08 11.25 14.51
N GLY D 74 18.95 10.28 14.27
CA GLY D 74 19.22 9.79 12.96
C GLY D 74 18.98 8.30 12.84
N PRO D 75 18.75 7.82 11.62
CA PRO D 75 18.56 6.40 11.32
C PRO D 75 19.90 5.69 11.27
N ARG D 76 19.88 4.35 11.33
CA ARG D 76 21.10 3.54 11.10
C ARG D 76 21.89 3.99 9.88
N SER D 77 21.16 4.30 8.81
CA SER D 77 21.68 4.88 7.60
C SER D 77 20.59 5.71 6.94
N CYS D 78 21.01 6.82 6.34
CA CYS D 78 20.10 7.70 5.61
C CYS D 78 19.66 7.09 4.27
N GLU D 79 20.33 6.03 3.84
CA GLU D 79 20.15 5.48 2.49
C GLU D 79 18.78 4.79 2.28
N HIS D 80 18.09 4.47 3.39
CA HIS D 80 16.85 3.72 3.32
C HIS D 80 15.68 4.68 3.05
N ASN D 81 15.60 5.14 1.81
CA ASN D 81 14.73 6.26 1.53
C ASN D 81 13.58 5.92 0.59
N CYS D 82 13.31 4.64 0.36
CA CYS D 82 11.97 4.27 -0.14
C CYS D 82 10.88 4.94 0.71
N SER D 83 9.83 5.44 0.06
CA SER D 83 8.84 6.22 0.78
C SER D 83 7.40 5.87 0.49
N ASP D 84 7.12 4.99 -0.47
CA ASP D 84 5.72 4.62 -0.74
C ASP D 84 5.34 3.32 -0.05
N ALA D 85 5.77 2.17 -0.58
CA ALA D 85 5.54 0.89 0.08
C ALA D 85 6.84 0.16 -0.03
N CYS D 86 7.38 -0.18 1.14
CA CYS D 86 8.80 -0.41 1.28
C CYS D 86 9.06 -1.64 2.15
N TRP D 87 9.41 -2.71 1.47
CA TRP D 87 9.61 -3.99 2.12
C TRP D 87 11.06 -4.04 2.61
N MET D 88 11.26 -4.60 3.78
CA MET D 88 12.61 -4.67 4.32
C MET D 88 13.57 -5.51 3.44
N ASP D 89 13.07 -6.54 2.76
CA ASP D 89 13.88 -7.31 1.83
C ASP D 89 13.69 -6.92 0.37
N GLY D 90 13.02 -5.80 0.10
CA GLY D 90 12.91 -5.28 -1.26
C GLY D 90 11.70 -5.85 -1.99
N ASN D 91 11.04 -5.02 -2.79
CA ASN D 91 9.87 -5.45 -3.54
C ASN D 91 9.55 -4.32 -4.52
N ASN D 92 9.05 -4.65 -5.69
CA ASN D 92 8.56 -3.67 -6.63
C ASN D 92 7.10 -3.99 -6.87
N PRO D 93 6.30 -2.99 -7.23
CA PRO D 93 4.88 -3.23 -7.53
C PRO D 93 4.74 -4.04 -8.82
N LEU D 94 3.69 -4.83 -8.90
CA LEU D 94 3.29 -5.53 -10.11
C LEU D 94 2.73 -4.56 -11.17
N ALA D 95 2.14 -3.44 -10.76
CA ALA D 95 1.58 -2.48 -11.69
C ALA D 95 1.40 -1.16 -10.94
N VAL D 96 1.47 -0.07 -11.68
CA VAL D 96 1.25 1.27 -11.16
C VAL D 96 0.43 2.02 -12.21
N TRP D 97 -0.81 2.36 -11.89
CA TRP D 97 -1.66 3.05 -12.82
C TRP D 97 -2.31 4.32 -12.28
N ASP D 98 -2.46 5.28 -13.18
CA ASP D 98 -3.26 6.46 -12.88
C ASP D 98 -4.73 6.03 -12.84
N TYR D 99 -5.35 6.15 -11.67
CA TYR D 99 -6.75 5.82 -11.49
C TYR D 99 -7.56 7.06 -11.15
N SER D 100 -7.20 8.21 -11.73
CA SER D 100 -7.95 9.46 -11.56
C SER D 100 -9.40 9.22 -11.86
N GLY D 101 -10.26 9.67 -10.97
CA GLY D 101 -11.71 9.55 -11.12
C GLY D 101 -12.30 8.16 -10.88
N GLN D 102 -11.48 7.21 -10.40
CA GLN D 102 -11.94 5.87 -10.05
C GLN D 102 -12.06 5.65 -8.55
N PRO D 103 -13.01 4.80 -8.10
CA PRO D 103 -13.03 4.46 -6.69
C PRO D 103 -11.94 3.43 -6.27
N PRO D 104 -11.64 3.34 -4.97
CA PRO D 104 -10.64 2.37 -4.54
C PRO D 104 -11.08 0.90 -4.86
N ALA D 105 -12.37 0.66 -4.95
CA ALA D 105 -12.87 -0.71 -5.21
C ALA D 105 -12.48 -1.19 -6.59
N LEU D 106 -12.24 -0.25 -7.52
CA LEU D 106 -11.73 -0.67 -8.82
C LEU D 106 -10.24 -1.03 -8.76
N CYS D 107 -9.51 -0.52 -7.76
CA CYS D 107 -8.13 -0.96 -7.55
C CYS D 107 -8.13 -2.37 -6.91
N TRP D 108 -9.02 -2.56 -5.96
CA TRP D 108 -9.29 -3.88 -5.38
C TRP D 108 -9.61 -4.84 -6.54
N ALA D 109 -10.44 -4.40 -7.48
CA ALA D 109 -10.84 -5.23 -8.67
C ALA D 109 -9.61 -5.60 -9.53
N ALA D 110 -8.75 -4.61 -9.77
CA ALA D 110 -7.47 -4.81 -10.46
C ALA D 110 -6.62 -5.87 -9.75
N CYS D 111 -6.56 -5.82 -8.42
CA CYS D 111 -5.80 -6.80 -7.67
C CYS D 111 -6.44 -8.23 -7.78
N MET D 112 -7.76 -8.30 -7.58
CA MET D 112 -8.51 -9.55 -7.80
C MET D 112 -8.18 -10.19 -9.16
N GLY D 113 -8.17 -9.36 -10.19
CA GLY D 113 -7.95 -9.78 -11.56
C GLY D 113 -6.51 -9.97 -12.00
N THR D 114 -5.56 -9.75 -11.11
CA THR D 114 -4.12 -9.85 -11.38
C THR D 114 -3.52 -11.02 -10.60
N PRO D 115 -3.10 -12.09 -11.33
CA PRO D 115 -2.54 -13.24 -10.59
C PRO D 115 -1.31 -12.82 -9.79
N GLY D 116 -1.22 -13.29 -8.56
CA GLY D 116 -0.07 -12.96 -7.71
C GLY D 116 -0.33 -11.70 -6.85
N CYS D 117 -1.33 -10.88 -7.21
CA CYS D 117 -1.61 -9.68 -6.39
C CYS D 117 -2.16 -10.05 -5.01
N ASP D 118 -1.47 -9.62 -3.95
CA ASP D 118 -1.92 -9.89 -2.57
C ASP D 118 -2.48 -8.62 -1.86
N LEU D 119 -2.08 -7.45 -2.35
CA LEU D 119 -2.50 -6.16 -1.77
C LEU D 119 -2.36 -5.04 -2.76
N TYR D 120 -3.03 -3.93 -2.45
CA TYR D 120 -2.91 -2.74 -3.28
C TYR D 120 -2.81 -1.52 -2.38
N THR D 121 -2.26 -0.45 -2.95
CA THR D 121 -2.34 0.87 -2.33
C THR D 121 -3.14 1.78 -3.27
N PHE D 122 -3.82 2.75 -2.67
CA PHE D 122 -4.65 3.69 -3.47
C PHE D 122 -4.52 5.13 -2.97
N GLN D 123 -3.29 5.60 -2.88
CA GLN D 123 -3.00 6.96 -2.46
C GLN D 123 -3.02 7.89 -3.66
N GLY D 124 -3.67 9.04 -3.49
CA GLY D 124 -3.86 10.02 -4.61
C GLY D 124 -4.37 9.43 -5.92
N MET D 125 -5.25 8.44 -5.85
CA MET D 125 -5.86 7.84 -7.06
C MET D 125 -4.85 7.22 -8.01
N THR D 126 -3.71 6.79 -7.45
CA THR D 126 -2.82 5.89 -8.13
C THR D 126 -3.06 4.48 -7.58
N CYS D 127 -3.38 3.55 -8.47
CA CYS D 127 -3.55 2.15 -8.09
C CYS D 127 -2.21 1.45 -8.26
N LYS D 128 -1.68 0.93 -7.17
CA LYS D 128 -0.46 0.13 -7.19
C LYS D 128 -0.76 -1.23 -6.62
N LEU D 129 -0.33 -2.26 -7.34
CA LEU D 129 -0.57 -3.64 -6.96
C LEU D 129 0.73 -4.29 -6.49
N TYR D 130 0.64 -5.16 -5.51
CA TYR D 130 1.85 -5.83 -4.95
C TYR D 130 1.60 -7.29 -4.66
N SER D 131 2.63 -8.09 -4.87
CA SER D 131 2.67 -9.44 -4.38
C SER D 131 3.48 -9.43 -3.08
N GLN D 132 3.09 -10.24 -2.09
CA GLN D 132 3.94 -10.42 -0.90
C GLN D 132 5.27 -11.11 -1.31
N THR D 133 6.31 -10.97 -0.48
CA THR D 133 7.62 -11.61 -0.73
C THR D 133 7.79 -12.88 0.14
N GLN E 4 -15.67 -36.14 33.43
CA GLN E 4 -15.30 -35.10 32.42
C GLN E 4 -13.77 -34.84 32.48
N LEU E 5 -13.01 -35.32 31.49
CA LEU E 5 -11.52 -35.28 31.59
C LEU E 5 -10.93 -33.86 31.51
N ASP E 6 -9.94 -33.58 32.38
CA ASP E 6 -9.27 -32.29 32.38
C ASP E 6 -8.36 -32.17 31.15
N VAL E 7 -8.72 -31.25 30.26
CA VAL E 7 -7.95 -30.90 29.10
C VAL E 7 -7.44 -29.44 29.15
N SER E 8 -7.36 -28.88 30.34
CA SER E 8 -7.00 -27.47 30.41
C SER E 8 -5.48 -27.23 30.38
N CYS E 9 -4.65 -28.27 30.56
CA CYS E 9 -3.21 -28.05 30.77
C CYS E 9 -2.47 -27.71 29.49
N PHE E 10 -3.09 -27.92 28.33
CA PHE E 10 -2.44 -27.60 27.06
C PHE E 10 -3.28 -26.57 26.31
N ALA E 11 -2.64 -25.84 25.42
CA ALA E 11 -3.31 -24.86 24.54
C ALA E 11 -4.22 -25.53 23.50
N HIS E 12 -5.41 -24.96 23.32
CA HIS E 12 -6.35 -25.46 22.33
C HIS E 12 -6.26 -24.67 21.02
N ASP E 13 -5.76 -23.45 21.08
CA ASP E 13 -5.87 -22.52 19.94
C ASP E 13 -4.54 -22.07 19.35
N LYS E 14 -3.47 -22.82 19.55
CA LYS E 14 -2.17 -22.42 19.03
C LYS E 14 -1.64 -23.29 17.88
N ASN E 15 -2.50 -24.13 17.31
CA ASN E 15 -2.10 -24.91 16.15
C ASN E 15 -0.87 -25.79 16.42
N ILE E 16 -0.78 -26.31 17.64
CA ILE E 16 0.29 -27.20 18.01
C ILE E 16 -0.12 -28.64 17.68
N GLY E 17 0.60 -29.20 16.73
CA GLY E 17 0.50 -30.61 16.37
C GLY E 17 1.75 -31.37 16.76
N SER E 18 1.69 -32.69 16.61
CA SER E 18 2.82 -33.58 16.83
C SER E 18 2.90 -34.51 15.61
N ARG E 19 4.11 -34.69 15.09
CA ARG E 19 4.30 -35.57 13.96
C ARG E 19 4.48 -37.04 14.37
N THR E 20 4.53 -37.33 15.65
CA THR E 20 4.85 -38.66 16.10
C THR E 20 3.96 -39.71 15.43
N GLU E 21 4.57 -40.84 15.09
CA GLU E 21 3.87 -41.89 14.38
C GLU E 21 2.61 -42.27 15.17
N GLN E 22 1.48 -42.50 14.50
CA GLN E 22 0.26 -42.73 15.24
C GLN E 22 -0.06 -44.18 15.45
N LEU E 23 -0.63 -44.47 16.62
CA LEU E 23 -1.20 -45.76 16.94
C LEU E 23 -2.54 -45.96 16.26
N SER E 24 -3.26 -44.84 16.07
CA SER E 24 -4.59 -44.87 15.45
C SER E 24 -5.13 -43.48 15.31
N VAL E 25 -6.25 -43.40 14.61
CA VAL E 25 -6.93 -42.16 14.34
C VAL E 25 -8.42 -42.47 14.41
N VAL E 26 -9.18 -41.56 15.04
CA VAL E 26 -10.62 -41.74 15.26
C VAL E 26 -11.27 -40.36 15.23
N HIS E 27 -12.50 -40.29 14.70
CA HIS E 27 -13.20 -39.00 14.69
C HIS E 27 -13.93 -38.82 16.01
N VAL E 28 -13.66 -37.72 16.69
CA VAL E 28 -14.40 -37.37 17.89
C VAL E 28 -14.67 -35.88 17.88
N ALA E 29 -15.59 -35.49 18.77
CA ALA E 29 -16.11 -34.14 18.77
C ALA E 29 -15.42 -33.24 19.75
N SER E 30 -14.51 -33.76 20.57
CA SER E 30 -13.83 -32.93 21.57
C SER E 30 -12.47 -33.49 21.96
N ALA E 31 -11.67 -32.61 22.56
CA ALA E 31 -10.33 -32.95 23.03
C ALA E 31 -10.47 -33.90 24.19
N GLN E 32 -11.51 -33.71 25.02
CA GLN E 32 -11.79 -34.64 26.12
C GLN E 32 -12.03 -36.03 25.58
N ASP E 33 -12.81 -36.16 24.50
CA ASP E 33 -13.00 -37.53 23.93
C ASP E 33 -11.70 -38.08 23.35
N CYS E 34 -10.85 -37.19 22.81
CA CYS E 34 -9.60 -37.65 22.24
C CYS E 34 -8.70 -38.18 23.36
N MET E 35 -8.65 -37.46 24.46
CA MET E 35 -7.93 -37.92 25.62
C MET E 35 -8.44 -39.26 26.13
N LYS E 36 -9.75 -39.44 26.14
CA LYS E 36 -10.34 -40.72 26.57
C LYS E 36 -9.86 -41.86 25.65
N GLU E 37 -9.75 -41.58 24.36
CA GLU E 37 -9.32 -42.59 23.40
C GLU E 37 -7.83 -42.87 23.63
N CYS E 38 -7.08 -41.84 24.01
CA CYS E 38 -5.67 -42.06 24.36
C CYS E 38 -5.56 -42.94 25.59
N GLN E 39 -6.33 -42.64 26.62
CA GLN E 39 -6.26 -43.42 27.86
C GLN E 39 -6.70 -44.91 27.69
N ALA E 40 -7.51 -45.19 26.69
CA ALA E 40 -7.94 -46.57 26.37
C ALA E 40 -6.81 -47.43 25.83
N LEU E 41 -5.77 -46.80 25.29
CA LEU E 41 -4.64 -47.52 24.74
C LEU E 41 -3.46 -47.48 25.69
N PRO E 42 -2.99 -48.66 26.16
CA PRO E 42 -1.92 -48.66 27.16
C PRO E 42 -0.67 -47.90 26.77
N THR E 43 -0.32 -47.83 25.49
CA THR E 43 0.90 -47.14 25.12
C THR E 43 0.72 -45.74 24.57
N CYS E 44 -0.49 -45.18 24.58
CA CYS E 44 -0.68 -43.82 24.11
C CYS E 44 -0.10 -42.81 25.16
N SER E 45 0.87 -42.03 24.73
CA SER E 45 1.52 -41.04 25.62
C SER E 45 0.93 -39.68 25.40
N HIS E 46 0.56 -39.40 24.15
CA HIS E 46 -0.05 -38.13 23.80
C HIS E 46 -0.93 -38.22 22.56
N PHE E 47 -1.64 -37.13 22.29
CA PHE E 47 -2.53 -37.06 21.14
C PHE E 47 -2.53 -35.71 20.54
N THR E 48 -2.86 -35.66 19.25
CA THR E 48 -3.16 -34.43 18.59
C THR E 48 -4.58 -34.53 18.09
N TYR E 49 -5.40 -33.57 18.53
CA TYR E 49 -6.78 -33.47 18.09
C TYR E 49 -6.90 -32.23 17.21
N ASN E 50 -7.62 -32.34 16.10
CA ASN E 50 -7.78 -31.19 15.20
C ASN E 50 -9.24 -30.73 15.21
N LYS E 51 -9.47 -29.48 15.57
CA LYS E 51 -10.82 -28.88 15.64
C LYS E 51 -11.66 -28.98 14.38
N ASN E 52 -10.99 -28.97 13.22
CA ASN E 52 -11.66 -28.81 11.92
C ASN E 52 -11.97 -30.14 11.28
N SER E 53 -10.96 -31.00 11.22
CA SER E 53 -11.18 -32.32 10.70
C SER E 53 -11.90 -33.20 11.74
N LYS E 54 -11.87 -32.81 13.01
CA LYS E 54 -12.37 -33.65 14.11
C LYS E 54 -11.67 -35.01 14.22
N LYS E 55 -10.43 -35.05 13.75
CA LYS E 55 -9.61 -36.23 13.86
C LYS E 55 -8.77 -36.18 15.14
N CYS E 56 -8.74 -37.30 15.84
CA CYS E 56 -7.94 -37.54 17.06
C CYS E 56 -6.92 -38.58 16.72
N HIS E 57 -5.65 -38.17 16.81
CA HIS E 57 -4.49 -38.96 16.40
C HIS E 57 -3.77 -39.40 17.65
N LEU E 58 -3.83 -40.68 17.95
CA LEU E 58 -3.20 -41.20 19.15
C LEU E 58 -1.75 -41.61 18.91
N LYS E 59 -0.86 -41.32 19.86
CA LYS E 59 0.60 -41.51 19.62
C LYS E 59 1.33 -42.10 20.82
N ALA E 60 2.29 -42.99 20.56
CA ALA E 60 3.02 -43.69 21.59
C ALA E 60 4.36 -42.99 21.92
N GLY E 61 5.08 -42.56 20.92
CA GLY E 61 6.43 -42.04 21.11
C GLY E 61 6.46 -40.64 21.71
N ALA E 62 7.65 -40.09 21.91
CA ALA E 62 7.77 -38.71 22.44
C ALA E 62 7.15 -37.70 21.46
N PRO E 63 6.61 -36.58 21.97
CA PRO E 63 6.07 -35.54 21.08
C PRO E 63 7.09 -34.99 20.07
N GLU E 64 6.64 -34.72 18.85
CA GLU E 64 7.43 -34.10 17.80
C GLU E 64 6.64 -32.89 17.32
N PHE E 65 6.83 -31.78 18.02
CA PHE E 65 5.96 -30.62 17.85
C PHE E 65 6.16 -29.89 16.52
N TYR E 66 5.06 -29.40 15.97
CA TYR E 66 5.07 -28.58 14.78
C TYR E 66 3.76 -27.81 14.71
N THR E 67 3.61 -27.00 13.67
CA THR E 67 2.45 -26.14 13.53
C THR E 67 1.58 -26.66 12.42
N TYR E 68 0.31 -26.83 12.74
CA TYR E 68 -0.69 -27.25 11.77
C TYR E 68 -2.00 -26.66 12.21
N THR E 69 -2.69 -26.03 11.26
CA THR E 69 -3.86 -25.23 11.56
C THR E 69 -4.95 -26.06 12.22
N GLY E 70 -5.41 -25.59 13.38
CA GLY E 70 -6.45 -26.27 14.14
C GLY E 70 -6.03 -27.45 15.03
N ASP E 71 -4.75 -27.80 15.03
CA ASP E 71 -4.25 -28.85 15.92
C ASP E 71 -4.13 -28.36 17.37
N MET E 72 -4.35 -29.28 18.31
CA MET E 72 -3.94 -29.14 19.69
C MET E 72 -3.36 -30.48 20.14
N THR E 73 -2.36 -30.44 21.00
CA THR E 73 -1.66 -31.61 21.36
C THR E 73 -1.71 -31.74 22.85
N GLY E 74 -2.25 -32.86 23.34
CA GLY E 74 -2.36 -33.08 24.78
C GLY E 74 -1.66 -34.34 25.27
N PRO E 75 -1.40 -34.42 26.57
CA PRO E 75 -0.84 -35.59 27.24
C PRO E 75 -1.87 -36.64 27.49
N ARG E 76 -1.40 -37.84 27.81
CA ARG E 76 -2.26 -38.95 28.19
C ARG E 76 -3.29 -38.49 29.26
N SER E 77 -2.79 -37.71 30.22
CA SER E 77 -3.55 -37.10 31.30
C SER E 77 -2.79 -35.84 31.73
N CYS E 78 -3.56 -34.79 31.98
CA CYS E 78 -3.07 -33.56 32.53
C CYS E 78 -2.72 -33.70 34.02
N GLU E 79 -3.01 -34.82 34.64
CA GLU E 79 -2.67 -34.98 36.05
C GLU E 79 -1.17 -35.14 36.33
N HIS E 80 -0.40 -35.48 35.32
CA HIS E 80 1.03 -35.64 35.48
C HIS E 80 1.73 -34.28 35.55
N ASN E 81 1.70 -33.68 36.74
CA ASN E 81 2.09 -32.28 36.87
C ASN E 81 3.37 -32.06 37.68
N CYS E 82 4.13 -33.12 37.89
CA CYS E 82 5.47 -32.96 38.47
C CYS E 82 6.41 -32.21 37.50
N SER E 83 7.26 -31.33 38.02
CA SER E 83 8.21 -30.60 37.20
C SER E 83 9.62 -30.56 37.81
N ASP E 84 9.81 -30.89 39.07
CA ASP E 84 11.14 -30.67 39.67
C ASP E 84 12.08 -31.87 39.53
N ALA E 85 11.59 -33.05 39.88
CA ALA E 85 12.38 -34.28 39.88
C ALA E 85 11.37 -35.40 39.83
N CYS E 86 11.15 -35.98 38.66
CA CYS E 86 9.93 -36.77 38.42
C CYS E 86 10.19 -38.17 37.89
N TRP E 87 10.12 -39.14 38.76
CA TRP E 87 10.40 -40.52 38.44
C TRP E 87 9.08 -41.17 38.03
N MET E 88 9.12 -41.92 36.96
CA MET E 88 7.91 -42.50 36.38
C MET E 88 7.26 -43.51 37.36
N ASP E 89 8.11 -44.22 38.08
CA ASP E 89 7.64 -45.23 39.02
C ASP E 89 7.75 -44.75 40.47
N GLY E 90 8.06 -43.47 40.67
CA GLY E 90 8.11 -42.89 42.00
C GLY E 90 9.45 -43.15 42.67
N ASN E 91 9.87 -42.21 43.52
CA ASN E 91 11.13 -42.36 44.27
C ASN E 91 11.22 -41.32 45.36
N ASN E 92 11.15 -41.74 46.61
CA ASN E 92 11.26 -40.80 47.70
C ASN E 92 12.71 -40.47 47.99
N PRO E 93 12.99 -39.21 48.33
CA PRO E 93 14.37 -38.76 48.54
C PRO E 93 14.95 -39.27 49.83
N LEU E 94 16.28 -39.42 49.84
CA LEU E 94 17.02 -39.74 51.04
C LEU E 94 17.05 -38.57 52.00
N ALA E 95 17.03 -37.35 51.45
CA ALA E 95 17.21 -36.16 52.27
C ALA E 95 16.74 -34.95 51.47
N VAL E 96 16.27 -33.94 52.19
CA VAL E 96 15.69 -32.74 51.59
C VAL E 96 16.18 -31.59 52.46
N TRP E 97 17.08 -30.76 51.95
CA TRP E 97 17.67 -29.72 52.76
C TRP E 97 17.57 -28.37 52.11
N ASP E 98 17.55 -27.35 52.94
CA ASP E 98 17.63 -25.98 52.49
C ASP E 98 19.08 -25.54 52.17
N TYR E 99 19.42 -25.46 50.90
CA TYR E 99 20.73 -25.00 50.41
C TYR E 99 20.66 -23.61 49.79
N SER E 100 19.72 -22.80 50.30
CA SER E 100 19.66 -21.42 49.81
C SER E 100 20.99 -20.73 50.07
N GLY E 101 21.45 -19.99 49.08
CA GLY E 101 22.74 -19.27 49.14
C GLY E 101 23.99 -20.17 48.99
N GLN E 102 23.78 -21.42 48.56
CA GLN E 102 24.86 -22.35 48.34
C GLN E 102 24.97 -22.65 46.88
N PRO E 103 26.18 -22.90 46.38
CA PRO E 103 26.30 -23.35 45.01
C PRO E 103 25.83 -24.78 44.83
N PRO E 104 25.48 -25.14 43.59
CA PRO E 104 25.20 -26.53 43.25
C PRO E 104 26.28 -27.48 43.78
N ALA E 105 27.54 -27.08 43.70
CA ALA E 105 28.67 -27.91 44.14
C ALA E 105 28.56 -28.33 45.61
N LEU E 106 27.92 -27.55 46.46
CA LEU E 106 27.75 -27.99 47.85
C LEU E 106 26.65 -29.04 48.00
N CYS E 107 25.70 -29.04 47.07
CA CYS E 107 24.67 -30.08 47.05
C CYS E 107 25.32 -31.37 46.53
N TRP E 108 26.20 -31.24 45.53
CA TRP E 108 27.06 -32.34 45.10
C TRP E 108 27.86 -32.91 46.27
N ALA E 109 28.37 -32.03 47.15
CA ALA E 109 29.15 -32.46 48.30
C ALA E 109 28.28 -33.22 49.28
N ALA E 110 27.05 -32.77 49.45
CA ALA E 110 26.13 -33.48 50.33
C ALA E 110 25.88 -34.87 49.83
N CYS E 111 25.73 -35.03 48.52
CA CYS E 111 25.53 -36.36 47.96
C CYS E 111 26.79 -37.21 48.18
N MET E 112 27.94 -36.65 47.83
CA MET E 112 29.20 -37.36 48.04
C MET E 112 29.31 -37.94 49.44
N GLY E 113 28.99 -37.11 50.43
CA GLY E 113 29.09 -37.45 51.83
C GLY E 113 27.93 -38.22 52.43
N THR E 114 26.93 -38.58 51.62
CA THR E 114 25.76 -39.30 52.12
C THR E 114 25.79 -40.70 51.51
N PRO E 115 26.03 -41.72 52.34
CA PRO E 115 26.13 -43.06 51.75
C PRO E 115 24.79 -43.44 51.10
N GLY E 116 24.85 -44.06 49.94
CA GLY E 116 23.65 -44.47 49.22
C GLY E 116 23.14 -43.43 48.24
N CYS E 117 23.61 -42.17 48.35
CA CYS E 117 23.23 -41.14 47.38
C CYS E 117 23.87 -41.37 46.05
N ASP E 118 23.04 -41.51 45.02
CA ASP E 118 23.49 -41.66 43.63
C ASP E 118 23.39 -40.39 42.82
N LEU E 119 22.44 -39.52 43.17
CA LEU E 119 22.22 -38.29 42.45
C LEU E 119 21.55 -37.28 43.35
N TYR E 120 21.56 -36.03 42.90
CA TYR E 120 20.90 -34.96 43.62
C TYR E 120 20.14 -34.11 42.65
N THR E 121 19.16 -33.37 43.19
CA THR E 121 18.52 -32.33 42.43
C THR E 121 18.68 -31.05 43.25
N PHE E 122 18.75 -29.95 42.54
CA PHE E 122 18.93 -28.68 43.23
C PHE E 122 18.13 -27.60 42.52
N GLN E 123 16.81 -27.74 42.62
CA GLN E 123 15.86 -26.78 42.04
C GLN E 123 15.47 -25.79 43.13
N GLY E 124 15.50 -24.51 42.77
CA GLY E 124 15.26 -23.47 43.75
C GLY E 124 16.20 -23.56 44.91
N MET E 125 15.65 -23.61 46.13
CA MET E 125 16.44 -23.62 47.37
C MET E 125 16.69 -25.03 47.90
N THR E 126 16.17 -26.03 47.23
CA THR E 126 16.13 -27.36 47.85
C THR E 126 17.19 -28.25 47.25
N CYS E 127 18.08 -28.71 48.13
CA CYS E 127 19.00 -29.79 47.78
C CYS E 127 18.36 -31.12 48.23
N LYS E 128 18.08 -31.98 47.25
CA LYS E 128 17.44 -33.25 47.51
C LYS E 128 18.33 -34.36 47.05
N LEU E 129 18.51 -35.34 47.92
CA LEU E 129 19.38 -36.45 47.62
C LEU E 129 18.53 -37.69 47.30
N TYR E 130 18.92 -38.43 46.28
CA TYR E 130 18.23 -39.67 45.91
C TYR E 130 19.18 -40.86 45.73
N SER E 131 18.66 -42.01 46.10
CA SER E 131 19.14 -43.29 45.67
C SER E 131 18.37 -43.71 44.40
N GLN E 132 19.05 -44.31 43.44
CA GLN E 132 18.36 -44.93 42.30
C GLN E 132 17.37 -46.02 42.76
N THR E 133 16.23 -46.15 42.07
CA THR E 133 15.20 -47.12 42.48
C THR E 133 15.67 -48.51 42.07
N LEU F 5 42.03 -23.54 43.29
CA LEU F 5 41.32 -23.47 42.00
C LEU F 5 40.28 -22.32 42.09
N ASP F 6 39.13 -22.51 41.44
CA ASP F 6 38.08 -21.51 41.45
C ASP F 6 37.39 -21.61 42.79
N VAL F 7 37.37 -20.49 43.53
CA VAL F 7 36.66 -20.38 44.80
C VAL F 7 35.53 -19.34 44.72
N SER F 8 35.08 -19.08 43.50
CA SER F 8 34.09 -18.02 43.28
C SER F 8 32.67 -18.47 43.54
N CYS F 9 32.45 -19.79 43.54
CA CYS F 9 31.09 -20.30 43.61
C CYS F 9 30.42 -20.23 44.98
N PHE F 10 31.18 -19.97 46.04
CA PHE F 10 30.59 -19.87 47.34
C PHE F 10 30.91 -18.54 47.91
N ALA F 11 30.17 -18.17 48.94
CA ALA F 11 30.34 -16.88 49.59
C ALA F 11 31.52 -16.91 50.53
N HIS F 12 32.32 -15.84 50.53
CA HIS F 12 33.44 -15.68 51.44
C HIS F 12 33.12 -14.79 52.63
N ASP F 13 32.04 -14.01 52.58
CA ASP F 13 31.83 -13.00 53.62
C ASP F 13 30.49 -13.15 54.31
N LYS F 14 29.93 -14.36 54.36
CA LYS F 14 28.61 -14.54 54.97
C LYS F 14 28.63 -15.40 56.23
N ASN F 15 29.81 -15.61 56.83
CA ASN F 15 29.93 -16.36 58.09
C ASN F 15 29.29 -17.77 58.07
N ILE F 16 29.37 -18.44 56.93
CA ILE F 16 28.78 -19.78 56.79
C ILE F 16 29.86 -20.81 57.17
N GLY F 17 29.65 -21.51 58.28
CA GLY F 17 30.46 -22.65 58.65
C GLY F 17 29.73 -23.97 58.44
N SER F 18 30.46 -25.07 58.60
CA SER F 18 29.86 -26.40 58.60
C SER F 18 30.31 -27.15 59.87
N ARG F 19 29.36 -27.79 60.56
CA ARG F 19 29.68 -28.58 61.77
C ARG F 19 30.14 -30.00 61.50
N THR F 20 30.16 -30.43 60.24
CA THR F 20 30.47 -31.81 59.92
C THR F 20 31.82 -32.16 60.50
N GLU F 21 31.93 -33.35 61.07
CA GLU F 21 33.14 -33.79 61.74
C GLU F 21 34.29 -33.77 60.74
N GLN F 22 35.45 -33.34 61.18
CA GLN F 22 36.54 -33.27 60.25
C GLN F 22 37.38 -34.50 60.05
N LEU F 23 38.07 -34.41 58.91
CA LEU F 23 39.01 -35.37 58.39
C LEU F 23 40.44 -34.90 58.66
N SER F 24 40.61 -33.58 58.70
CA SER F 24 41.94 -32.95 58.84
C SER F 24 41.72 -31.50 59.21
N VAL F 25 42.70 -30.94 59.91
CA VAL F 25 42.77 -29.52 60.15
C VAL F 25 44.21 -29.05 59.95
N VAL F 26 44.32 -27.87 59.33
CA VAL F 26 45.61 -27.22 59.03
C VAL F 26 45.30 -25.73 59.08
N HIS F 27 46.35 -24.91 59.10
CA HIS F 27 46.16 -23.46 58.92
C HIS F 27 46.69 -23.13 57.54
N VAL F 28 46.01 -22.25 56.82
CA VAL F 28 46.45 -21.88 55.49
C VAL F 28 46.13 -20.40 55.24
N ALA F 29 46.73 -19.86 54.17
CA ALA F 29 46.70 -18.42 53.93
C ALA F 29 45.45 -17.96 53.16
N SER F 30 44.78 -18.89 52.50
CA SER F 30 43.60 -18.54 51.67
C SER F 30 42.58 -19.67 51.53
N ALA F 31 41.37 -19.30 51.06
CA ALA F 31 40.32 -20.28 50.78
C ALA F 31 40.78 -21.26 49.70
N GLN F 32 41.49 -20.73 48.70
CA GLN F 32 42.02 -21.55 47.60
C GLN F 32 42.93 -22.65 48.08
N ASP F 33 43.83 -22.27 48.99
CA ASP F 33 44.75 -23.25 49.60
C ASP F 33 43.98 -24.29 50.42
N CYS F 34 42.90 -23.88 51.08
CA CYS F 34 42.02 -24.83 51.80
C CYS F 34 41.37 -25.81 50.82
N MET F 35 40.91 -25.32 49.67
CA MET F 35 40.36 -26.17 48.66
C MET F 35 41.38 -27.15 48.15
N LYS F 36 42.60 -26.64 47.89
CA LYS F 36 43.69 -27.51 47.52
C LYS F 36 43.91 -28.65 48.56
N GLU F 37 43.86 -28.33 49.83
CA GLU F 37 43.99 -29.35 50.87
C GLU F 37 42.86 -30.36 50.76
N CYS F 38 41.64 -29.88 50.48
CA CYS F 38 40.47 -30.79 50.37
C CYS F 38 40.67 -31.74 49.22
N GLN F 39 41.11 -31.21 48.09
CA GLN F 39 41.27 -31.98 46.88
C GLN F 39 42.40 -33.01 46.98
N ALA F 40 43.35 -32.82 47.88
CA ALA F 40 44.41 -33.82 48.17
C ALA F 40 43.93 -35.04 48.99
N LEU F 41 42.73 -34.98 49.56
CA LEU F 41 42.18 -36.06 50.39
C LEU F 41 41.02 -36.71 49.64
N PRO F 42 41.14 -38.01 49.30
CA PRO F 42 40.11 -38.61 48.46
C PRO F 42 38.68 -38.47 48.98
N THR F 43 38.47 -38.46 50.29
CA THR F 43 37.09 -38.42 50.80
C THR F 43 36.59 -37.02 51.21
N CYS F 44 37.35 -35.98 50.95
CA CYS F 44 36.92 -34.64 51.40
C CYS F 44 35.85 -34.17 50.43
N SER F 45 34.67 -33.90 50.97
CA SER F 45 33.56 -33.36 50.18
C SER F 45 33.49 -31.84 50.25
N HIS F 46 33.95 -31.26 51.35
CA HIS F 46 33.82 -29.80 51.53
C HIS F 46 34.73 -29.31 52.64
N PHE F 47 34.83 -28.00 52.78
CA PHE F 47 35.72 -27.48 53.79
C PHE F 47 35.17 -26.21 54.37
N THR F 48 35.60 -25.88 55.58
CA THR F 48 35.31 -24.60 56.15
C THR F 48 36.63 -23.94 56.44
N TYR F 49 36.77 -22.72 55.93
CA TYR F 49 37.98 -21.94 56.14
C TYR F 49 37.57 -20.71 56.90
N ASN F 50 38.32 -20.34 57.94
CA ASN F 50 38.06 -19.10 58.68
C ASN F 50 39.10 -18.03 58.37
N LYS F 51 38.59 -16.88 57.90
CA LYS F 51 39.36 -15.66 57.58
C LYS F 51 40.27 -15.17 58.68
N ASN F 52 39.78 -15.28 59.90
CA ASN F 52 40.40 -14.65 61.04
C ASN F 52 41.39 -15.59 61.72
N SER F 53 40.99 -16.82 61.97
CA SER F 53 41.89 -17.76 62.61
C SER F 53 42.85 -18.40 61.58
N LYS F 54 42.45 -18.37 60.30
CA LYS F 54 43.14 -19.05 59.19
C LYS F 54 43.13 -20.60 59.28
N LYS F 55 42.26 -21.15 60.12
CA LYS F 55 42.03 -22.58 60.21
C LYS F 55 41.25 -23.09 59.01
N CYS F 56 41.69 -24.21 58.47
CA CYS F 56 41.06 -24.88 57.34
C CYS F 56 40.66 -26.27 57.84
N HIS F 57 39.38 -26.55 57.84
CA HIS F 57 38.81 -27.83 58.32
C HIS F 57 38.27 -28.63 57.13
N LEU F 58 38.86 -29.77 56.85
CA LEU F 58 38.47 -30.64 55.76
C LEU F 58 37.45 -31.69 56.25
N LYS F 59 36.34 -31.88 55.51
CA LYS F 59 35.21 -32.67 55.99
C LYS F 59 34.76 -33.66 54.91
N ALA F 60 34.40 -34.89 55.34
CA ALA F 60 33.96 -35.94 54.43
C ALA F 60 32.43 -36.00 54.29
N GLY F 61 31.71 -35.81 55.40
CA GLY F 61 30.25 -36.01 55.40
C GLY F 61 29.52 -34.85 54.73
N ALA F 62 28.19 -34.95 54.66
CA ALA F 62 27.37 -33.87 54.10
C ALA F 62 27.53 -32.62 54.94
N PRO F 63 27.49 -31.44 54.32
CA PRO F 63 27.59 -30.22 55.12
C PRO F 63 26.49 -30.06 56.15
N GLU F 64 26.81 -29.42 57.27
CA GLU F 64 25.86 -29.12 58.35
C GLU F 64 25.98 -27.64 58.65
N PHE F 65 25.21 -26.83 57.91
CA PHE F 65 25.50 -25.39 57.85
C PHE F 65 25.13 -24.69 59.16
N TYR F 66 25.95 -23.70 59.55
CA TYR F 66 25.67 -22.87 60.71
C TYR F 66 26.42 -21.55 60.57
N THR F 67 26.16 -20.62 61.48
CA THR F 67 26.78 -19.31 61.42
C THR F 67 27.92 -19.22 62.40
N TYR F 68 29.07 -18.76 61.90
CA TYR F 68 30.26 -18.55 62.75
C TYR F 68 31.10 -17.47 62.11
N THR F 69 31.45 -16.45 62.90
CA THR F 69 32.12 -15.26 62.36
C THR F 69 33.42 -15.57 61.63
N GLY F 70 33.50 -15.13 60.39
CA GLY F 70 34.70 -15.35 59.58
C GLY F 70 34.74 -16.64 58.80
N ASP F 71 33.76 -17.53 59.00
CA ASP F 71 33.75 -18.80 58.25
C ASP F 71 33.29 -18.61 56.82
N MET F 72 33.82 -19.46 55.95
CA MET F 72 33.25 -19.66 54.63
C MET F 72 33.40 -21.14 54.36
N THR F 73 32.48 -21.68 53.58
CA THR F 73 32.34 -23.12 53.38
C THR F 73 32.29 -23.35 51.88
N GLY F 74 33.28 -24.08 51.38
CA GLY F 74 33.40 -24.36 49.98
C GLY F 74 33.24 -25.84 49.69
N PRO F 75 32.93 -26.16 48.44
CA PRO F 75 32.93 -27.54 47.99
C PRO F 75 34.35 -28.05 47.66
N ARG F 76 34.49 -29.36 47.54
CA ARG F 76 35.72 -29.99 47.04
C ARG F 76 36.22 -29.26 45.75
N SER F 77 35.29 -28.93 44.87
CA SER F 77 35.56 -28.15 43.66
C SER F 77 34.28 -27.45 43.23
N CYS F 78 34.44 -26.22 42.74
CA CYS F 78 33.32 -25.47 42.18
C CYS F 78 32.91 -25.98 40.81
N GLU F 79 33.62 -26.97 40.26
CA GLU F 79 33.28 -27.52 38.92
C GLU F 79 31.98 -28.34 38.84
N HIS F 80 31.46 -28.77 40.01
CA HIS F 80 30.27 -29.59 40.11
C HIS F 80 29.05 -28.66 40.07
N ASN F 81 28.72 -28.22 38.87
CA ASN F 81 27.79 -27.13 38.70
C ASN F 81 26.42 -27.57 38.18
N CYS F 82 26.25 -28.87 38.03
CA CYS F 82 24.93 -29.40 37.65
C CYS F 82 23.92 -29.07 38.72
N SER F 83 22.73 -28.63 38.30
CA SER F 83 21.67 -28.30 39.28
C SER F 83 20.31 -28.91 38.99
N ASP F 84 20.17 -29.60 37.86
CA ASP F 84 18.91 -30.20 37.46
C ASP F 84 18.77 -31.55 38.16
N ALA F 85 19.17 -32.65 37.51
CA ALA F 85 19.21 -33.95 38.13
C ALA F 85 20.64 -34.38 37.80
N CYS F 86 21.39 -34.77 38.80
CA CYS F 86 22.87 -34.74 38.73
C CYS F 86 23.44 -35.98 39.39
N TRP F 87 23.99 -36.86 38.56
CA TRP F 87 24.47 -38.14 39.02
C TRP F 87 25.93 -38.05 39.46
N MET F 88 26.28 -38.70 40.55
CA MET F 88 27.67 -38.72 41.01
C MET F 88 28.59 -39.37 39.97
N ASP F 89 28.13 -40.43 39.30
CA ASP F 89 29.00 -41.08 38.34
C ASP F 89 28.82 -40.48 36.95
N GLY F 90 28.15 -39.33 36.87
CA GLY F 90 27.93 -38.67 35.59
C GLY F 90 26.82 -39.42 34.89
N ASN F 91 26.04 -38.70 34.08
CA ASN F 91 24.89 -39.30 33.39
C ASN F 91 24.23 -38.22 32.56
N ASN F 92 24.60 -38.15 31.30
CA ASN F 92 24.02 -37.18 30.42
C ASN F 92 22.51 -37.44 30.25
N PRO F 93 21.74 -36.38 30.07
CA PRO F 93 20.32 -36.56 29.71
C PRO F 93 20.16 -37.33 28.41
N LEU F 94 19.07 -38.12 28.28
CA LEU F 94 18.71 -38.73 26.99
C LEU F 94 18.28 -37.69 26.00
N ALA F 95 17.72 -36.58 26.48
CA ALA F 95 17.21 -35.56 25.62
C ALA F 95 17.01 -34.31 26.43
N VAL F 96 17.14 -33.17 25.75
CA VAL F 96 16.99 -31.82 26.30
C VAL F 96 16.23 -31.04 25.25
N TRP F 97 15.00 -30.64 25.57
CA TRP F 97 14.20 -29.92 24.61
C TRP F 97 13.57 -28.68 25.22
N ASP F 98 13.45 -27.67 24.39
CA ASP F 98 12.71 -26.47 24.72
C ASP F 98 11.22 -26.81 24.55
N TYR F 99 10.52 -26.88 25.66
CA TYR F 99 9.07 -27.18 25.69
C TYR F 99 8.25 -25.94 26.06
N SER F 100 8.64 -24.79 25.48
CA SER F 100 7.95 -23.53 25.68
C SER F 100 6.53 -23.69 25.28
N GLY F 101 5.63 -23.23 26.15
CA GLY F 101 4.22 -23.29 25.90
C GLY F 101 3.60 -24.68 26.13
N GLN F 102 4.32 -25.60 26.76
CA GLN F 102 3.82 -26.97 26.98
C GLN F 102 3.64 -27.22 28.45
N PRO F 103 2.65 -28.05 28.81
CA PRO F 103 2.57 -28.44 30.20
C PRO F 103 3.62 -29.48 30.58
N PRO F 104 3.94 -29.59 31.87
CA PRO F 104 4.88 -30.62 32.29
C PRO F 104 4.38 -32.04 31.95
N ALA F 105 3.07 -32.23 31.85
CA ALA F 105 2.54 -33.55 31.44
C ALA F 105 3.04 -34.00 30.07
N LEU F 106 3.34 -33.08 29.17
CA LEU F 106 3.86 -33.48 27.89
C LEU F 106 5.35 -33.88 28.00
N CYS F 107 6.04 -33.46 29.06
CA CYS F 107 7.37 -34.01 29.33
C CYS F 107 7.26 -35.36 29.97
N TRP F 108 6.29 -35.56 30.85
CA TRP F 108 5.97 -36.90 31.30
C TRP F 108 5.69 -37.81 30.10
N ALA F 109 4.92 -37.31 29.13
CA ALA F 109 4.55 -38.08 27.92
C ALA F 109 5.82 -38.45 27.16
N ALA F 110 6.69 -37.47 26.98
CA ALA F 110 7.98 -37.71 26.33
C ALA F 110 8.77 -38.83 27.02
N CYS F 111 8.79 -38.87 28.36
CA CYS F 111 9.52 -39.87 29.10
C CYS F 111 8.84 -41.26 28.96
N MET F 112 7.52 -41.29 29.09
CA MET F 112 6.77 -42.52 28.78
C MET F 112 7.09 -43.07 27.41
N GLY F 113 7.17 -42.21 26.42
CA GLY F 113 7.41 -42.60 25.05
C GLY F 113 8.86 -42.85 24.67
N THR F 114 9.77 -42.62 25.59
CA THR F 114 11.22 -42.78 25.31
C THR F 114 11.77 -44.02 26.00
N PRO F 115 12.13 -45.03 25.20
CA PRO F 115 12.64 -46.24 25.87
C PRO F 115 13.83 -45.91 26.74
N GLY F 116 13.85 -46.46 27.92
CA GLY F 116 14.95 -46.18 28.85
C GLY F 116 14.72 -45.00 29.77
N CYS F 117 13.72 -44.15 29.47
CA CYS F 117 13.48 -42.95 30.32
C CYS F 117 12.89 -43.37 31.65
N ASP F 118 13.58 -43.04 32.74
CA ASP F 118 13.11 -43.38 34.08
C ASP F 118 12.61 -42.15 34.86
N LEU F 119 13.07 -40.98 34.46
CA LEU F 119 12.67 -39.76 35.14
C LEU F 119 12.90 -38.57 34.27
N TYR F 120 12.24 -37.47 34.62
CA TYR F 120 12.39 -36.25 33.84
C TYR F 120 12.43 -35.05 34.79
N THR F 121 12.93 -33.92 34.28
CA THR F 121 12.79 -32.63 34.96
C THR F 121 12.19 -31.66 33.98
N PHE F 122 11.52 -30.60 34.47
CA PHE F 122 10.83 -29.65 33.63
C PHE F 122 11.00 -28.20 34.18
N GLN F 123 12.18 -27.66 34.03
CA GLN F 123 12.51 -26.37 34.63
C GLN F 123 12.62 -25.39 33.52
N GLY F 124 12.05 -24.21 33.71
CA GLY F 124 12.11 -23.16 32.73
C GLY F 124 11.49 -23.60 31.44
N MET F 125 10.47 -24.47 31.52
CA MET F 125 9.86 -25.11 30.36
C MET F 125 10.89 -25.89 29.50
N THR F 126 11.95 -26.40 30.14
CA THR F 126 12.93 -27.27 29.44
C THR F 126 12.67 -28.72 29.88
N CYS F 127 12.29 -29.57 28.92
CA CYS F 127 12.07 -31.00 29.21
C CYS F 127 13.39 -31.76 29.09
N LYS F 128 13.82 -32.39 30.17
CA LYS F 128 14.99 -33.25 30.15
C LYS F 128 14.63 -34.64 30.61
N LEU F 129 15.06 -35.63 29.84
CA LEU F 129 14.82 -37.01 30.15
C LEU F 129 16.11 -37.67 30.58
N TYR F 130 16.01 -38.55 31.56
CA TYR F 130 17.14 -39.30 32.11
C TYR F 130 16.81 -40.78 32.24
N SER F 131 17.82 -41.60 31.93
CA SER F 131 17.81 -43.00 32.28
C SER F 131 18.66 -43.19 33.53
N GLN F 132 18.23 -44.06 34.43
CA GLN F 132 19.10 -44.45 35.54
C GLN F 132 20.37 -45.16 35.04
N THR F 133 21.46 -45.08 35.80
CA THR F 133 22.74 -45.63 35.34
C THR F 133 22.84 -47.12 35.66
#